data_8CN4
#
_entry.id   8CN4
#
_cell.length_a   65.690
_cell.length_b   84.240
_cell.length_c   138.560
_cell.angle_alpha   90.00
_cell.angle_beta   90.00
_cell.angle_gamma   90.00
#
_symmetry.space_group_name_H-M   'P 21 21 21'
#
loop_
_entity.id
_entity.type
_entity.pdbx_description
1 polymer '3-oxoacyl-[acyl-carrier-protein] synthase 2'
2 non-polymer GLYCEROL
3 non-polymer 'MAGNESIUM ION'
4 non-polymer 'DIMETHYL SULFOXIDE'
5 non-polymer '5-acetamido-2-chloranyl-benzoic acid'
6 water water
#
_entity_poly.entity_id   1
_entity_poly.type   'polypeptide(L)'
_entity_poly.pdbx_seq_one_letter_code
;SRRRVVITGMGMLSPLGLDVPSSWEGILAGRSGIAPIEHMDLSAYSTRFGGSVKGFNVEEYLSAKEARKLDLFIQYGLAA
SFQAVRDSGLEVTDANRERIGVSMGSGIGGLTNIENNCRSLFEQGPRRISPFFVPGSIINMVSGFLSIHLGLQGPNYALT
TAQTTGTHSIGMAARNIAYGEADVMVAGGSEMAACGLGLGGFGAARALSTRNDEPTRASRPWDRDRDGFVLSDGSGALVL
EELEHARARGARIYAELVGFGMSGDAFHMTAPPEDGAGAARCMKNALRDAGLDPRQVDYINAHGTSTPAGDIAEIAAVKS
VFGEHAHALSMSSTKSMTGHLLGAAGAVEAIFSVLALRDQVAPPTINLDNPDEGCDLDLVAHEAKPRKIDVALSNSFGFG
GTNGTLVFRRFA
;
_entity_poly.pdbx_strand_id   A,B
#
# COMPACT_ATOMS: atom_id res chain seq x y z
N SER A 1 -17.43 -17.62 11.43
CA SER A 1 -16.37 -18.32 12.19
C SER A 1 -15.05 -17.54 12.09
N ARG A 2 -15.02 -16.33 12.63
CA ARG A 2 -13.79 -15.50 12.82
C ARG A 2 -12.90 -16.06 13.94
N ARG A 3 -11.60 -16.25 13.70
CA ARG A 3 -10.65 -16.67 14.75
C ARG A 3 -10.20 -15.45 15.57
N ARG A 4 -9.73 -15.70 16.81
CA ARG A 4 -9.20 -14.67 17.71
C ARG A 4 -7.74 -14.41 17.34
N VAL A 5 -7.28 -13.20 17.57
CA VAL A 5 -5.93 -12.74 17.18
C VAL A 5 -5.26 -12.06 18.38
N VAL A 6 -4.06 -12.52 18.70
CA VAL A 6 -3.25 -12.00 19.81
C VAL A 6 -1.91 -11.49 19.34
N ILE A 7 -1.29 -10.65 20.17
CA ILE A 7 0.05 -10.07 19.92
C ILE A 7 1.05 -10.88 20.73
N THR A 8 2.07 -11.44 20.10
CA THR A 8 3.06 -12.31 20.79
C THR A 8 4.47 -11.76 20.65
N GLY A 9 4.69 -10.71 19.86
CA GLY A 9 6.01 -10.10 19.76
C GLY A 9 5.92 -8.68 19.23
N MET A 10 6.87 -7.86 19.62
CA MET A 10 6.88 -6.45 19.19
C MET A 10 8.32 -6.00 18.97
N GLY A 11 8.50 -5.05 18.08
CA GLY A 11 9.80 -4.41 17.84
C GLY A 11 9.68 -2.99 17.39
N MET A 12 10.76 -2.22 17.52
CA MET A 12 10.65 -0.76 17.32
C MET A 12 12.00 -0.11 17.17
N LEU A 13 12.04 0.91 16.29
CA LEU A 13 13.03 2.00 16.33
C LEU A 13 12.24 3.29 16.50
N SER A 14 12.63 4.13 17.42
CA SER A 14 11.94 5.42 17.64
C SER A 14 12.97 6.48 17.99
N PRO A 15 12.54 7.76 18.03
CA PRO A 15 13.40 8.81 18.55
C PRO A 15 13.75 8.62 20.05
N LEU A 16 13.07 7.71 20.75
CA LEU A 16 13.35 7.46 22.18
C LEU A 16 14.25 6.24 22.39
N GLY A 17 14.46 5.42 21.36
CA GLY A 17 15.20 4.18 21.63
C GLY A 17 15.35 3.30 20.43
N LEU A 18 16.30 2.38 20.52
CA LEU A 18 16.60 1.41 19.44
C LEU A 18 15.87 0.08 19.64
N ASP A 19 14.94 0.04 20.57
CA ASP A 19 14.08 -1.16 20.77
C ASP A 19 12.87 -0.80 21.61
N VAL A 20 11.99 -1.76 21.85
CA VAL A 20 10.75 -1.46 22.61
C VAL A 20 11.05 -1.03 24.05
N PRO A 21 11.81 -1.82 24.84
N PRO A 21 11.81 -1.82 24.84
CA PRO A 21 11.96 -1.47 26.26
CA PRO A 21 11.99 -1.48 26.26
C PRO A 21 12.57 -0.07 26.49
C PRO A 21 12.57 -0.07 26.49
N SER A 22 13.59 0.31 25.71
CA SER A 22 14.28 1.61 25.84
C SER A 22 13.29 2.70 25.44
N SER A 23 12.51 2.46 24.37
CA SER A 23 11.52 3.48 23.93
C SER A 23 10.46 3.68 25.03
N TRP A 24 9.92 2.59 25.55
CA TRP A 24 8.83 2.65 26.56
C TRP A 24 9.32 3.26 27.86
N GLU A 25 10.54 2.97 28.26
CA GLU A 25 11.16 3.63 29.43
C GLU A 25 11.11 5.14 29.21
N GLY A 26 11.44 5.62 28.01
CA GLY A 26 11.40 7.06 27.67
C GLY A 26 9.98 7.61 27.76
N ILE A 27 9.02 6.85 27.22
CA ILE A 27 7.59 7.24 27.25
C ILE A 27 7.15 7.44 28.70
N LEU A 28 7.41 6.47 29.58
CA LEU A 28 6.91 6.52 30.97
C LEU A 28 7.63 7.61 31.77
N ALA A 29 8.82 8.02 31.36
CA ALA A 29 9.61 9.08 32.02
C ALA A 29 9.25 10.47 31.47
N GLY A 30 8.38 10.57 30.46
CA GLY A 30 8.08 11.88 29.85
C GLY A 30 9.24 12.49 29.08
N ARG A 31 10.14 11.67 28.52
CA ARG A 31 11.33 12.13 27.78
C ARG A 31 10.93 12.55 26.36
N SER A 32 11.51 13.64 25.88
CA SER A 32 11.42 14.05 24.46
C SER A 32 12.52 13.37 23.63
N GLY A 33 12.17 12.86 22.46
CA GLY A 33 13.13 12.39 21.46
C GLY A 33 13.42 13.43 20.40
N ILE A 34 13.00 14.67 20.58
CA ILE A 34 13.08 15.71 19.53
C ILE A 34 14.34 16.57 19.75
N ALA A 35 15.06 16.84 18.69
CA ALA A 35 16.35 17.60 18.71
C ALA A 35 16.60 18.22 17.36
N PRO A 36 17.48 19.26 17.29
CA PRO A 36 17.94 19.76 15.99
C PRO A 36 18.48 18.60 15.16
N ILE A 37 18.14 18.61 13.89
CA ILE A 37 18.57 17.55 12.92
C ILE A 37 20.05 17.79 12.56
N GLU A 38 20.83 16.73 12.64
CA GLU A 38 22.31 16.78 12.47
C GLU A 38 22.73 16.17 11.13
N HIS A 39 21.87 15.39 10.47
CA HIS A 39 22.27 14.52 9.32
C HIS A 39 22.25 15.33 8.02
N MET A 40 21.71 16.54 8.02
CA MET A 40 21.81 17.45 6.85
C MET A 40 21.77 18.89 7.33
N ASP A 41 22.12 19.82 6.44
CA ASP A 41 22.10 21.30 6.67
C ASP A 41 20.72 21.87 6.35
N LEU A 42 20.01 22.32 7.38
CA LEU A 42 18.62 22.85 7.27
C LEU A 42 18.57 24.36 7.52
N SER A 43 19.68 25.08 7.35
CA SER A 43 19.71 26.54 7.62
C SER A 43 18.69 27.27 6.72
N ALA A 44 18.42 26.79 5.51
CA ALA A 44 17.46 27.41 4.56
C ALA A 44 16.00 26.97 4.80
N TYR A 45 15.75 26.10 5.80
CA TYR A 45 14.40 25.56 6.06
C TYR A 45 13.82 26.29 7.26
N SER A 46 12.49 26.36 7.34
CA SER A 46 11.77 27.05 8.45
C SER A 46 11.64 26.13 9.66
N THR A 47 11.83 24.81 9.49
CA THR A 47 11.92 23.82 10.58
C THR A 47 13.24 23.05 10.47
N ARG A 48 13.99 22.98 11.55
CA ARG A 48 15.39 22.47 11.55
C ARG A 48 15.54 21.38 12.60
N PHE A 49 14.44 20.86 13.15
CA PHE A 49 14.49 19.84 14.21
C PHE A 49 13.47 18.74 13.87
N GLY A 50 13.55 17.65 14.59
CA GLY A 50 12.61 16.51 14.43
C GLY A 50 13.04 15.36 15.29
N GLY A 51 12.39 14.22 15.13
CA GLY A 51 12.71 13.00 15.90
C GLY A 51 13.51 12.04 15.05
N SER A 52 14.81 12.01 15.25
CA SER A 52 15.73 11.12 14.50
C SER A 52 15.94 9.85 15.31
N VAL A 53 16.22 8.77 14.62
CA VAL A 53 16.70 7.53 15.26
C VAL A 53 18.18 7.76 15.54
N LYS A 54 18.60 7.53 16.76
CA LYS A 54 19.98 7.89 17.21
C LYS A 54 20.79 6.62 17.43
N GLY A 55 21.89 6.49 16.69
CA GLY A 55 22.88 5.43 16.92
C GLY A 55 22.47 4.10 16.33
N PHE A 56 21.63 4.09 15.30
CA PHE A 56 21.18 2.83 14.68
C PHE A 56 22.36 2.09 14.04
N ASN A 57 22.47 0.81 14.35
CA ASN A 57 23.52 -0.08 13.79
C ASN A 57 22.86 -1.20 12.99
N VAL A 58 22.75 -0.98 11.69
CA VAL A 58 22.04 -1.90 10.77
C VAL A 58 22.80 -3.23 10.75
N GLU A 59 24.10 -3.22 11.09
CA GLU A 59 24.96 -4.43 11.02
C GLU A 59 24.56 -5.46 12.08
N GLU A 60 23.75 -5.08 13.06
CA GLU A 60 23.11 -6.04 13.97
C GLU A 60 22.09 -6.91 13.23
N TYR A 61 21.62 -6.49 12.06
CA TYR A 61 20.56 -7.20 11.31
C TYR A 61 21.04 -7.69 9.95
N LEU A 62 21.78 -6.88 9.22
CA LEU A 62 22.10 -7.12 7.78
C LEU A 62 23.58 -6.88 7.57
N SER A 63 24.14 -7.44 6.49
CA SER A 63 25.52 -7.10 6.06
C SER A 63 25.54 -5.62 5.65
N ALA A 64 26.68 -4.95 5.88
CA ALA A 64 26.97 -3.59 5.39
C ALA A 64 26.65 -3.52 3.90
N LYS A 65 27.03 -4.55 3.15
CA LYS A 65 26.91 -4.65 1.67
C LYS A 65 25.42 -4.63 1.30
N GLU A 66 24.63 -5.45 1.97
CA GLU A 66 23.17 -5.51 1.74
C GLU A 66 22.55 -4.17 2.13
N ALA A 67 22.93 -3.62 3.28
CA ALA A 67 22.29 -2.40 3.82
C ALA A 67 22.52 -1.23 2.85
N ARG A 68 23.66 -1.17 2.16
CA ARG A 68 23.97 -0.01 1.30
C ARG A 68 22.95 0.16 0.16
N LYS A 69 22.26 -0.92 -0.24
CA LYS A 69 21.27 -0.96 -1.37
C LYS A 69 19.89 -0.46 -0.91
N LEU A 70 19.69 -0.29 0.39
CA LEU A 70 18.31 -0.14 0.94
C LEU A 70 18.14 1.26 1.51
N ASP A 71 17.05 1.96 1.15
CA ASP A 71 16.70 3.22 1.84
C ASP A 71 16.62 2.97 3.35
N LEU A 72 16.86 4.01 4.14
CA LEU A 72 16.71 3.92 5.60
C LEU A 72 15.31 3.43 5.98
N PHE A 73 14.22 3.79 5.26
CA PHE A 73 12.89 3.34 5.77
C PHE A 73 12.85 1.80 5.74
N ILE A 74 13.52 1.18 4.78
CA ILE A 74 13.52 -0.30 4.67
C ILE A 74 14.41 -0.86 5.78
N GLN A 75 15.57 -0.27 6.00
CA GLN A 75 16.43 -0.72 7.10
C GLN A 75 15.67 -0.65 8.43
N TYR A 76 14.98 0.46 8.69
CA TYR A 76 14.22 0.62 9.94
C TYR A 76 13.10 -0.43 10.05
N GLY A 77 12.35 -0.66 8.98
CA GLY A 77 11.27 -1.66 9.03
C GLY A 77 11.79 -3.06 9.25
N LEU A 78 12.92 -3.38 8.64
CA LEU A 78 13.54 -4.73 8.85
C LEU A 78 13.98 -4.85 10.32
N ALA A 79 14.62 -3.83 10.87
CA ALA A 79 15.09 -3.87 12.28
C ALA A 79 13.92 -4.14 13.23
N ALA A 80 12.80 -3.43 13.06
CA ALA A 80 11.63 -3.60 13.93
C ALA A 80 11.04 -5.01 13.72
N SER A 81 10.97 -5.48 12.49
CA SER A 81 10.41 -6.80 12.10
C SER A 81 11.25 -7.93 12.71
N PHE A 82 12.57 -7.83 12.56
CA PHE A 82 13.50 -8.85 13.15
C PHE A 82 13.29 -8.88 14.64
N GLN A 83 13.29 -7.69 15.29
CA GLN A 83 13.08 -7.64 16.75
C GLN A 83 11.78 -8.37 17.11
N ALA A 84 10.67 -8.06 16.42
CA ALA A 84 9.36 -8.56 16.79
C ALA A 84 9.36 -10.09 16.67
N VAL A 85 9.92 -10.61 15.58
CA VAL A 85 9.94 -12.08 15.40
C VAL A 85 10.79 -12.72 16.51
N ARG A 86 11.94 -12.14 16.83
CA ARG A 86 12.80 -12.68 17.93
C ARG A 86 12.02 -12.64 19.23
N ASP A 87 11.33 -11.53 19.50
CA ASP A 87 10.53 -11.32 20.74
C ASP A 87 9.42 -12.36 20.83
N SER A 88 8.87 -12.81 19.70
CA SER A 88 7.72 -13.74 19.69
C SER A 88 8.17 -15.17 20.06
N GLY A 89 9.42 -15.50 19.80
CA GLY A 89 9.98 -16.86 19.96
C GLY A 89 9.55 -17.81 18.86
N LEU A 90 8.86 -17.33 17.80
CA LEU A 90 8.34 -18.21 16.74
C LEU A 90 9.52 -18.82 15.99
N GLU A 91 9.44 -20.10 15.66
CA GLU A 91 10.44 -20.76 14.78
C GLU A 91 9.76 -20.99 13.43
N VAL A 92 10.39 -20.49 12.38
CA VAL A 92 9.91 -20.71 10.98
C VAL A 92 10.39 -22.08 10.51
N THR A 93 9.47 -22.91 10.04
CA THR A 93 9.77 -24.30 9.59
C THR A 93 9.06 -24.58 8.27
N ASP A 94 9.41 -25.67 7.60
CA ASP A 94 8.66 -26.13 6.41
C ASP A 94 7.20 -26.33 6.77
N ALA A 95 6.87 -26.72 8.00
CA ALA A 95 5.48 -27.03 8.38
C ALA A 95 4.64 -25.74 8.53
N ASN A 96 5.25 -24.60 8.84
CA ASN A 96 4.44 -23.36 9.06
C ASN A 96 4.79 -22.22 8.09
N ARG A 97 5.77 -22.33 7.21
CA ARG A 97 6.28 -21.12 6.50
C ARG A 97 5.20 -20.57 5.54
N GLU A 98 4.29 -21.40 5.03
CA GLU A 98 3.24 -20.91 4.09
C GLU A 98 2.14 -20.18 4.89
N ARG A 99 2.13 -20.31 6.22
CA ARG A 99 1.04 -19.77 7.07
C ARG A 99 1.51 -18.47 7.74
N ILE A 100 2.71 -18.01 7.43
CA ILE A 100 3.30 -16.79 8.05
C ILE A 100 3.51 -15.75 6.97
N GLY A 101 2.88 -14.58 7.08
CA GLY A 101 3.03 -13.50 6.09
C GLY A 101 3.50 -12.21 6.73
N VAL A 102 3.54 -11.16 5.94
CA VAL A 102 4.10 -9.86 6.39
C VAL A 102 3.35 -8.76 5.65
N SER A 103 3.00 -7.74 6.42
CA SER A 103 2.40 -6.50 5.87
C SER A 103 3.02 -5.34 6.64
N MET A 104 4.13 -4.88 6.12
CA MET A 104 4.85 -3.69 6.63
C MET A 104 4.72 -2.57 5.59
N GLY A 105 4.21 -1.43 6.02
CA GLY A 105 3.86 -0.34 5.08
C GLY A 105 4.68 0.92 5.33
N SER A 106 4.47 1.93 4.52
CA SER A 106 5.11 3.25 4.70
C SER A 106 4.21 4.29 4.06
N GLY A 107 4.18 5.49 4.64
CA GLY A 107 3.44 6.61 4.02
C GLY A 107 4.11 7.16 2.78
N ILE A 108 5.40 7.44 2.87
CA ILE A 108 6.14 8.17 1.80
C ILE A 108 7.21 7.25 1.19
N GLY A 109 7.67 6.23 1.90
CA GLY A 109 8.71 5.32 1.42
C GLY A 109 10.05 6.00 1.18
N GLY A 110 10.70 5.65 0.08
CA GLY A 110 12.16 5.86 -0.05
C GLY A 110 12.52 7.24 -0.59
N LEU A 111 12.02 8.29 0.03
CA LEU A 111 12.18 9.67 -0.48
C LEU A 111 13.67 10.04 -0.49
N THR A 112 14.44 9.70 0.56
CA THR A 112 15.88 10.03 0.64
C THR A 112 16.63 9.37 -0.53
N ASN A 113 16.43 8.08 -0.73
CA ASN A 113 17.06 7.35 -1.87
C ASN A 113 16.63 7.95 -3.21
N ILE A 114 15.36 8.30 -3.38
CA ILE A 114 14.88 8.83 -4.70
C ILE A 114 15.52 10.20 -4.92
N GLU A 115 15.54 11.06 -3.89
CA GLU A 115 16.23 12.38 -3.91
C GLU A 115 17.70 12.19 -4.29
N ASN A 116 18.44 11.28 -3.66
CA ASN A 116 19.89 11.07 -3.90
C ASN A 116 20.11 10.60 -5.33
N ASN A 117 19.24 9.71 -5.82
CA ASN A 117 19.40 9.20 -7.20
C ASN A 117 19.02 10.31 -8.20
N CYS A 118 18.05 11.16 -7.85
CA CYS A 118 17.66 12.31 -8.68
C CYS A 118 18.84 13.30 -8.76
N ARG A 119 19.55 13.46 -7.65
CA ARG A 119 20.72 14.34 -7.63
C ARG A 119 21.77 13.77 -8.58
N SER A 120 22.09 12.48 -8.48
CA SER A 120 23.03 11.79 -9.40
C SER A 120 22.60 12.01 -10.85
N LEU A 121 21.34 11.76 -11.21
CA LEU A 121 20.85 11.87 -12.59
C LEU A 121 21.08 13.31 -13.14
N PHE A 122 20.69 14.32 -12.38
CA PHE A 122 20.66 15.72 -12.86
C PHE A 122 22.10 16.25 -12.93
N GLU A 123 22.94 15.91 -11.95
CA GLU A 123 24.28 16.56 -11.81
C GLU A 123 25.33 15.75 -12.58
N GLN A 124 25.12 14.44 -12.82
CA GLN A 124 26.17 13.57 -13.43
C GLN A 124 25.61 12.90 -14.68
N GLY A 125 24.50 12.21 -14.51
CA GLY A 125 23.79 11.64 -15.65
C GLY A 125 23.16 10.31 -15.25
N PRO A 126 22.36 9.72 -16.16
CA PRO A 126 21.63 8.49 -15.89
C PRO A 126 22.48 7.26 -15.58
N ARG A 127 23.75 7.22 -16.01
CA ARG A 127 24.62 6.07 -15.75
C ARG A 127 25.03 6.06 -14.26
N ARG A 128 24.69 7.10 -13.48
CA ARG A 128 25.04 7.13 -12.03
C ARG A 128 23.83 6.71 -11.17
N ILE A 129 22.69 6.44 -11.80
CA ILE A 129 21.55 5.86 -11.02
C ILE A 129 21.97 4.46 -10.54
N SER A 130 21.68 4.14 -9.29
CA SER A 130 21.99 2.81 -8.71
C SER A 130 21.23 1.71 -9.45
N PRO A 131 21.87 0.58 -9.77
CA PRO A 131 21.12 -0.57 -10.30
C PRO A 131 20.09 -1.13 -9.30
N PHE A 132 20.21 -0.74 -8.02
CA PHE A 132 19.34 -1.20 -6.90
C PHE A 132 18.32 -0.10 -6.56
N PHE A 133 18.27 0.98 -7.34
CA PHE A 133 17.32 2.09 -7.15
C PHE A 133 15.90 1.58 -6.89
N VAL A 134 15.33 0.78 -7.80
CA VAL A 134 13.89 0.38 -7.66
C VAL A 134 13.71 -0.53 -6.45
N PRO A 135 14.36 -1.71 -6.35
CA PRO A 135 14.11 -2.59 -5.21
C PRO A 135 14.55 -1.97 -3.87
N GLY A 136 15.50 -1.04 -3.87
CA GLY A 136 15.94 -0.42 -2.60
C GLY A 136 15.07 0.77 -2.19
N SER A 137 14.07 1.16 -2.98
CA SER A 137 13.29 2.41 -2.75
C SER A 137 11.80 2.14 -2.59
N ILE A 138 11.28 1.06 -3.14
CA ILE A 138 9.80 0.92 -3.18
C ILE A 138 9.29 0.34 -1.86
N ILE A 139 8.04 0.64 -1.56
CA ILE A 139 7.45 0.47 -0.22
C ILE A 139 7.28 -1.01 0.10
N ASN A 140 7.08 -1.89 -0.88
CA ASN A 140 6.78 -3.32 -0.58
C ASN A 140 8.06 -4.08 -0.19
N MET A 141 9.21 -3.41 -0.11
CA MET A 141 10.46 -4.18 -0.01
C MET A 141 10.78 -4.45 1.45
N VAL A 142 10.12 -3.83 2.45
CA VAL A 142 10.28 -4.32 3.85
C VAL A 142 9.67 -5.72 3.91
N SER A 143 8.43 -5.87 3.44
CA SER A 143 7.78 -7.18 3.39
C SER A 143 8.64 -8.14 2.56
N GLY A 144 9.09 -7.72 1.37
CA GLY A 144 9.91 -8.55 0.47
C GLY A 144 11.18 -9.05 1.17
N PHE A 145 12.01 -8.13 1.66
CA PHE A 145 13.30 -8.52 2.29
C PHE A 145 13.06 -9.32 3.55
N LEU A 146 12.06 -8.98 4.38
CA LEU A 146 11.84 -9.77 5.60
C LEU A 146 11.49 -11.20 5.18
N SER A 147 10.63 -11.38 4.17
CA SER A 147 10.20 -12.73 3.76
C SER A 147 11.43 -13.51 3.27
N ILE A 148 12.34 -12.85 2.56
CA ILE A 148 13.55 -13.53 2.01
C ILE A 148 14.46 -13.93 3.19
N HIS A 149 14.67 -13.05 4.15
CA HIS A 149 15.62 -13.33 5.27
C HIS A 149 15.07 -14.39 6.22
N LEU A 150 13.77 -14.46 6.47
CA LEU A 150 13.19 -15.37 7.48
C LEU A 150 12.57 -16.61 6.81
N GLY A 151 12.27 -16.57 5.51
CA GLY A 151 11.63 -17.68 4.77
C GLY A 151 10.11 -17.71 4.89
N LEU A 152 9.48 -16.52 4.93
CA LEU A 152 8.02 -16.41 5.19
C LEU A 152 7.33 -16.51 3.83
N GLN A 153 6.40 -17.43 3.66
CA GLN A 153 5.79 -17.70 2.32
C GLN A 153 4.30 -17.38 2.30
N GLY A 154 3.74 -16.85 3.40
CA GLY A 154 2.33 -16.47 3.41
C GLY A 154 2.09 -15.15 2.70
N PRO A 155 0.89 -14.55 2.92
CA PRO A 155 0.51 -13.29 2.29
C PRO A 155 1.59 -12.23 2.50
N ASN A 156 2.00 -11.59 1.43
CA ASN A 156 3.14 -10.67 1.38
C ASN A 156 2.69 -9.41 0.69
N TYR A 157 2.49 -8.33 1.44
CA TYR A 157 1.97 -7.09 0.81
C TYR A 157 2.36 -5.89 1.64
N ALA A 158 1.98 -4.71 1.19
CA ALA A 158 2.27 -3.45 1.90
C ALA A 158 1.15 -2.47 1.59
N LEU A 159 0.68 -1.81 2.64
CA LEU A 159 -0.26 -0.69 2.55
C LEU A 159 0.54 0.62 2.46
N THR A 160 -0.06 1.63 1.83
CA THR A 160 0.43 3.00 1.93
C THR A 160 -0.81 3.87 2.05
N THR A 161 -1.13 4.24 3.27
CA THR A 161 -2.27 5.14 3.58
C THR A 161 -1.78 6.34 4.39
N ALA A 162 -0.70 6.98 3.90
CA ALA A 162 -0.16 8.19 4.57
C ALA A 162 -0.04 7.96 6.07
N GLN A 163 -0.55 8.84 6.93
CA GLN A 163 -0.30 8.79 8.39
C GLN A 163 -1.14 7.71 9.09
N THR A 164 -1.97 6.98 8.36
CA THR A 164 -2.82 5.87 8.86
C THR A 164 -2.15 4.52 8.57
N THR A 165 -1.06 4.50 7.86
CA THR A 165 -0.47 3.26 7.29
C THR A 165 -0.29 2.17 8.38
N GLY A 166 0.37 2.50 9.49
CA GLY A 166 0.69 1.46 10.46
C GLY A 166 -0.56 0.84 11.07
N THR A 167 -1.56 1.66 11.36
CA THR A 167 -2.84 1.21 11.94
C THR A 167 -3.54 0.28 10.94
N HIS A 168 -3.70 0.70 9.69
CA HIS A 168 -4.34 -0.13 8.64
C HIS A 168 -3.57 -1.45 8.45
N SER A 169 -2.24 -1.39 8.46
CA SER A 169 -1.39 -2.59 8.22
C SER A 169 -1.70 -3.62 9.32
N ILE A 170 -1.75 -3.18 10.56
CA ILE A 170 -1.99 -4.12 11.71
C ILE A 170 -3.42 -4.65 11.60
N GLY A 171 -4.41 -3.79 11.32
CA GLY A 171 -5.80 -4.23 11.26
C GLY A 171 -6.04 -5.21 10.13
N MET A 172 -5.53 -4.94 8.92
CA MET A 172 -5.80 -5.84 7.77
C MET A 172 -5.05 -7.14 7.96
N ALA A 173 -3.88 -7.09 8.57
CA ALA A 173 -3.11 -8.31 8.92
C ALA A 173 -3.92 -9.17 9.90
N ALA A 174 -4.49 -8.54 10.93
CA ALA A 174 -5.37 -9.25 11.90
C ALA A 174 -6.53 -9.90 11.16
N ARG A 175 -7.14 -9.21 10.19
CA ARG A 175 -8.26 -9.80 9.40
C ARG A 175 -7.76 -11.03 8.63
N ASN A 176 -6.58 -10.98 8.03
CA ASN A 176 -5.97 -12.14 7.32
C ASN A 176 -5.99 -13.38 8.23
N ILE A 177 -5.61 -13.18 9.46
CA ILE A 177 -5.54 -14.30 10.43
C ILE A 177 -6.94 -14.70 10.84
N ALA A 178 -7.79 -13.75 11.19
CA ALA A 178 -9.13 -14.03 11.70
C ALA A 178 -9.91 -14.82 10.65
N TYR A 179 -9.72 -14.54 9.37
CA TYR A 179 -10.48 -15.20 8.26
C TYR A 179 -9.72 -16.41 7.71
N GLY A 180 -8.58 -16.78 8.25
CA GLY A 180 -7.94 -18.08 7.97
C GLY A 180 -6.96 -18.03 6.82
N GLU A 181 -6.58 -16.84 6.34
CA GLU A 181 -5.62 -16.68 5.21
C GLU A 181 -4.16 -16.88 5.67
N ALA A 182 -3.90 -16.76 6.96
CA ALA A 182 -2.58 -16.98 7.59
C ALA A 182 -2.82 -17.27 9.07
N ASP A 183 -1.81 -17.83 9.75
CA ASP A 183 -1.89 -18.08 11.21
C ASP A 183 -1.06 -17.04 11.96
N VAL A 184 -0.07 -16.45 11.31
CA VAL A 184 0.84 -15.43 11.87
C VAL A 184 1.05 -14.36 10.81
N MET A 185 1.08 -13.09 11.23
CA MET A 185 1.50 -11.99 10.37
C MET A 185 2.45 -11.09 11.14
N VAL A 186 3.48 -10.62 10.47
CA VAL A 186 4.33 -9.52 10.98
C VAL A 186 3.79 -8.24 10.35
N ALA A 187 3.34 -7.28 11.15
CA ALA A 187 2.65 -6.12 10.55
C ALA A 187 3.02 -4.82 11.27
N GLY A 188 2.97 -3.71 10.54
CA GLY A 188 3.39 -2.42 11.07
C GLY A 188 3.81 -1.48 9.98
N GLY A 189 4.74 -0.59 10.29
CA GLY A 189 5.12 0.45 9.33
C GLY A 189 6.45 1.06 9.68
N SER A 190 7.02 1.75 8.71
CA SER A 190 8.34 2.41 8.86
C SER A 190 8.36 3.68 8.04
N GLU A 191 9.21 4.60 8.45
CA GLU A 191 9.27 5.91 7.76
C GLU A 191 10.62 6.56 8.04
N MET A 192 11.18 7.15 7.02
CA MET A 192 12.32 8.09 7.12
CA MET A 192 12.30 8.12 7.17
C MET A 192 12.14 9.16 6.05
N ALA A 193 11.40 10.21 6.38
CA ALA A 193 11.04 11.27 5.41
C ALA A 193 11.86 12.54 5.71
N ALA A 194 12.85 12.48 6.62
CA ALA A 194 13.71 13.64 6.96
C ALA A 194 14.77 13.85 5.87
N CYS A 195 14.36 14.36 4.72
CA CYS A 195 15.24 14.76 3.61
C CYS A 195 14.72 16.12 3.15
N GLY A 196 15.41 16.75 2.21
CA GLY A 196 14.99 18.07 1.73
C GLY A 196 13.54 18.07 1.26
N LEU A 197 13.15 17.10 0.46
CA LEU A 197 11.76 17.05 -0.09
C LEU A 197 10.75 16.87 1.04
N GLY A 198 11.06 16.07 2.06
CA GLY A 198 10.21 15.86 3.23
C GLY A 198 10.02 17.11 4.06
N LEU A 199 11.10 17.65 4.62
CA LEU A 199 11.07 18.85 5.49
C LEU A 199 10.57 20.03 4.66
N GLY A 200 11.01 20.10 3.40
CA GLY A 200 10.60 21.20 2.51
C GLY A 200 9.16 21.08 2.08
N GLY A 201 8.69 19.86 1.80
CA GLY A 201 7.29 19.64 1.33
C GLY A 201 6.28 19.92 2.44
N PHE A 202 6.50 19.39 3.65
CA PHE A 202 5.68 19.71 4.83
C PHE A 202 5.84 21.20 5.23
N GLY A 203 7.05 21.76 5.07
CA GLY A 203 7.31 23.19 5.37
C GLY A 203 6.51 24.10 4.42
N ALA A 204 6.50 23.77 3.13
CA ALA A 204 5.76 24.57 2.10
C ALA A 204 4.26 24.56 2.38
N ALA A 205 3.72 23.47 2.97
CA ALA A 205 2.32 23.37 3.42
C ALA A 205 2.08 24.13 4.74
N ARG A 206 3.13 24.57 5.42
CA ARG A 206 3.09 25.28 6.72
C ARG A 206 2.51 24.32 7.77
N ALA A 207 2.76 23.01 7.63
CA ALA A 207 2.17 21.96 8.52
C ALA A 207 3.03 21.73 9.77
N LEU A 208 4.31 22.07 9.72
CA LEU A 208 5.29 21.72 10.79
C LEU A 208 5.33 22.84 11.83
N SER A 209 5.52 22.48 13.08
CA SER A 209 5.98 23.42 14.12
C SER A 209 7.28 24.08 13.64
N THR A 210 7.41 25.37 13.89
CA THR A 210 8.67 26.13 13.63
C THR A 210 9.30 26.60 14.96
N ARG A 211 9.13 25.87 16.06
CA ARG A 211 9.70 26.23 17.39
C ARG A 211 11.16 25.80 17.48
N ASN A 212 12.02 26.37 16.63
CA ASN A 212 13.42 25.93 16.45
C ASN A 212 14.24 26.19 17.72
N ASP A 213 13.89 27.22 18.49
CA ASP A 213 14.65 27.57 19.71
C ASP A 213 14.33 26.59 20.84
N GLU A 214 13.23 25.84 20.79
CA GLU A 214 12.90 24.88 21.89
C GLU A 214 12.29 23.60 21.30
N PRO A 215 13.05 22.79 20.55
CA PRO A 215 12.48 21.63 19.87
C PRO A 215 11.73 20.64 20.80
N THR A 216 12.17 20.44 22.04
CA THR A 216 11.54 19.47 22.97
C THR A 216 10.16 19.99 23.39
N ARG A 217 9.86 21.31 23.24
CA ARG A 217 8.53 21.88 23.61
CA ARG A 217 8.53 21.88 23.61
C ARG A 217 7.62 22.00 22.37
N ALA A 218 8.11 21.66 21.18
CA ALA A 218 7.38 21.99 19.92
C ALA A 218 6.08 21.16 19.83
N SER A 219 6.19 19.86 20.07
CA SER A 219 5.05 18.91 19.98
C SER A 219 4.24 19.02 21.28
N ARG A 220 3.06 19.61 21.19
CA ARG A 220 2.29 19.98 22.41
C ARG A 220 0.81 19.81 22.11
N PRO A 221 0.37 18.55 21.95
CA PRO A 221 -1.00 18.27 21.57
C PRO A 221 -1.98 18.87 22.58
N TRP A 222 -3.01 19.54 22.05
CA TRP A 222 -4.14 20.15 22.79
C TRP A 222 -3.69 21.40 23.56
N ASP A 223 -2.43 21.77 23.50
CA ASP A 223 -1.93 22.98 24.18
C ASP A 223 -2.31 24.20 23.35
N ARG A 224 -2.69 25.28 24.03
CA ARG A 224 -3.15 26.50 23.31
C ARG A 224 -2.06 27.06 22.39
N ASP A 225 -0.76 26.85 22.67
CA ASP A 225 0.39 27.42 21.92
C ASP A 225 0.92 26.44 20.87
N ARG A 226 0.24 25.34 20.59
CA ARG A 226 0.68 24.42 19.50
C ARG A 226 0.71 25.14 18.15
N ASP A 227 1.58 24.72 17.23
CA ASP A 227 1.75 25.35 15.90
C ASP A 227 2.14 24.32 14.85
N GLY A 228 1.65 23.09 14.91
CA GLY A 228 1.93 22.09 13.86
C GLY A 228 2.71 20.89 14.34
N PHE A 229 2.86 19.90 13.45
CA PHE A 229 3.42 18.61 13.87
C PHE A 229 4.94 18.68 13.83
N VAL A 230 5.54 17.71 14.51
CA VAL A 230 7.00 17.45 14.52
C VAL A 230 7.29 16.19 13.72
N LEU A 231 8.13 16.29 12.70
CA LEU A 231 8.42 15.15 11.81
C LEU A 231 9.40 14.19 12.49
N SER A 232 9.08 12.90 12.52
CA SER A 232 9.92 11.87 13.17
C SER A 232 10.07 10.61 12.31
N ASP A 233 11.11 9.86 12.63
CA ASP A 233 11.56 8.68 11.87
C ASP A 233 11.47 7.45 12.77
N GLY A 234 11.25 6.28 12.15
CA GLY A 234 11.36 5.02 12.91
C GLY A 234 10.45 3.95 12.35
N SER A 235 10.12 2.99 13.18
CA SER A 235 9.40 1.78 12.74
C SER A 235 8.80 1.08 13.94
N GLY A 236 7.71 0.39 13.70
CA GLY A 236 7.08 -0.53 14.64
C GLY A 236 6.63 -1.77 13.91
N ALA A 237 6.75 -2.91 14.57
CA ALA A 237 6.27 -4.18 14.02
C ALA A 237 5.65 -4.98 15.16
N LEU A 238 4.57 -5.67 14.85
CA LEU A 238 3.97 -6.64 15.78
CA LEU A 238 3.94 -6.63 15.78
C LEU A 238 3.91 -8.00 15.11
N VAL A 239 4.15 -9.06 15.88
CA VAL A 239 3.77 -10.42 15.46
C VAL A 239 2.33 -10.67 15.95
N LEU A 240 1.40 -10.73 15.00
CA LEU A 240 0.00 -11.13 15.23
C LEU A 240 -0.12 -12.64 15.04
N GLU A 241 -0.92 -13.30 15.86
CA GLU A 241 -0.96 -14.78 15.85
C GLU A 241 -2.36 -15.24 16.21
N GLU A 242 -2.84 -16.26 15.53
CA GLU A 242 -4.10 -16.92 15.86
C GLU A 242 -3.98 -17.51 17.29
N LEU A 243 -5.04 -17.37 18.08
CA LEU A 243 -4.99 -17.63 19.55
C LEU A 243 -4.59 -19.07 19.82
N GLU A 244 -5.24 -20.04 19.17
CA GLU A 244 -4.93 -21.47 19.42
C GLU A 244 -3.49 -21.80 19.00
N HIS A 245 -3.01 -21.22 17.90
CA HIS A 245 -1.62 -21.34 17.45
C HIS A 245 -0.65 -20.86 18.53
N ALA A 246 -0.92 -19.70 19.14
CA ALA A 246 -0.04 -19.11 20.18
C ALA A 246 -0.06 -20.03 21.41
N ARG A 247 -1.24 -20.47 21.82
CA ARG A 247 -1.42 -21.32 23.03
C ARG A 247 -0.71 -22.66 22.80
N ALA A 248 -0.83 -23.25 21.60
CA ALA A 248 -0.25 -24.59 21.30
C ALA A 248 1.25 -24.56 21.51
N ARG A 249 1.94 -23.45 21.20
CA ARG A 249 3.42 -23.37 21.30
C ARG A 249 3.86 -22.70 22.61
N GLY A 250 2.95 -22.36 23.52
CA GLY A 250 3.28 -21.74 24.82
C GLY A 250 3.81 -20.34 24.66
N ALA A 251 3.30 -19.59 23.68
CA ALA A 251 3.73 -18.20 23.42
C ALA A 251 3.32 -17.34 24.61
N ARG A 252 4.15 -16.35 24.88
CA ARG A 252 3.80 -15.23 25.78
CA ARG A 252 3.79 -15.22 25.79
C ARG A 252 2.85 -14.30 25.00
N ILE A 253 1.64 -14.12 25.48
CA ILE A 253 0.62 -13.23 24.84
C ILE A 253 0.60 -11.89 25.57
N TYR A 254 0.86 -10.79 24.86
CA TYR A 254 0.81 -9.44 25.48
C TYR A 254 -0.62 -8.95 25.64
N ALA A 255 -1.46 -9.14 24.61
CA ALA A 255 -2.82 -8.62 24.56
C ALA A 255 -3.58 -9.26 23.40
N GLU A 256 -4.88 -9.04 23.36
CA GLU A 256 -5.73 -9.49 22.24
C GLU A 256 -6.11 -8.29 21.38
N LEU A 257 -6.09 -8.47 20.05
CA LEU A 257 -6.60 -7.45 19.10
CA LEU A 257 -6.60 -7.46 19.11
C LEU A 257 -8.06 -7.82 18.84
N VAL A 258 -8.99 -7.03 19.36
CA VAL A 258 -10.43 -7.38 19.30
C VAL A 258 -11.22 -6.56 18.29
N GLY A 259 -10.72 -5.43 17.84
CA GLY A 259 -11.52 -4.59 16.94
C GLY A 259 -10.64 -3.80 15.99
N PHE A 260 -11.18 -3.54 14.81
CA PHE A 260 -10.52 -2.70 13.81
C PHE A 260 -11.60 -1.95 13.04
N GLY A 261 -11.40 -0.65 12.94
CA GLY A 261 -12.24 0.26 12.15
C GLY A 261 -11.44 0.93 11.05
N MET A 262 -12.14 1.21 9.96
CA MET A 262 -11.70 2.08 8.87
C MET A 262 -12.90 2.99 8.58
N SER A 263 -12.61 4.15 8.07
CA SER A 263 -13.63 5.03 7.47
C SER A 263 -12.89 6.00 6.59
N GLY A 264 -13.58 6.50 5.58
CA GLY A 264 -13.18 7.71 4.83
C GLY A 264 -13.99 8.93 5.26
N ASP A 265 -13.33 10.04 5.44
CA ASP A 265 -13.94 11.36 5.79
C ASP A 265 -14.67 11.87 4.54
N ALA A 266 -14.10 11.64 3.35
CA ALA A 266 -14.56 12.22 2.06
C ALA A 266 -14.72 13.74 2.18
N PHE A 267 -13.77 14.43 2.79
CA PHE A 267 -13.95 15.84 3.21
C PHE A 267 -12.94 16.74 2.52
N HIS A 268 -11.65 16.51 2.77
CA HIS A 268 -10.56 17.37 2.27
C HIS A 268 -9.30 16.53 2.05
N MET A 269 -8.42 16.95 1.13
CA MET A 269 -7.20 16.16 0.80
CA MET A 269 -7.21 16.15 0.80
C MET A 269 -6.25 16.10 2.00
N THR A 270 -6.23 17.11 2.85
CA THR A 270 -5.26 17.17 3.99
C THR A 270 -5.93 17.50 5.33
N ALA A 271 -7.00 18.27 5.37
CA ALA A 271 -7.56 18.79 6.64
C ALA A 271 -8.65 17.85 7.13
N PRO A 272 -8.73 17.58 8.45
CA PRO A 272 -9.86 16.84 8.99
C PRO A 272 -11.04 17.77 9.21
N PRO A 273 -12.28 17.26 9.19
CA PRO A 273 -13.45 18.09 9.50
C PRO A 273 -13.41 18.46 10.99
N GLU A 274 -13.90 19.66 11.29
CA GLU A 274 -13.77 20.29 12.64
C GLU A 274 -14.46 19.38 13.66
N ASP A 275 -15.55 18.72 13.29
CA ASP A 275 -16.37 17.92 14.24
C ASP A 275 -15.84 16.49 14.36
N GLY A 276 -14.78 16.14 13.63
CA GLY A 276 -14.17 14.79 13.63
C GLY A 276 -15.16 13.70 13.24
N ALA A 277 -16.07 13.95 12.29
CA ALA A 277 -17.13 12.99 11.94
C ALA A 277 -16.54 11.67 11.42
N GLY A 278 -15.53 11.71 10.55
CA GLY A 278 -14.91 10.47 10.03
C GLY A 278 -14.24 9.65 11.14
N ALA A 279 -13.55 10.34 12.05
CA ALA A 279 -12.87 9.71 13.20
C ALA A 279 -13.91 9.03 14.11
N ALA A 280 -15.00 9.73 14.36
CA ALA A 280 -16.11 9.16 15.16
C ALA A 280 -16.67 7.92 14.45
N ARG A 281 -16.94 8.00 13.14
CA ARG A 281 -17.48 6.82 12.40
C ARG A 281 -16.52 5.64 12.58
N CYS A 282 -15.23 5.91 12.45
CA CYS A 282 -14.13 4.89 12.49
C CYS A 282 -14.10 4.21 13.85
N MET A 283 -14.17 4.98 14.92
CA MET A 283 -14.09 4.44 16.30
C MET A 283 -15.37 3.64 16.58
N LYS A 284 -16.51 4.07 16.07
CA LYS A 284 -17.79 3.33 16.27
C LYS A 284 -17.70 1.99 15.55
N ASN A 285 -17.22 2.00 14.31
CA ASN A 285 -16.99 0.76 13.53
C ASN A 285 -16.13 -0.18 14.38
N ALA A 286 -15.00 0.31 14.91
CA ALA A 286 -14.02 -0.52 15.65
C ALA A 286 -14.68 -1.09 16.95
N LEU A 287 -15.47 -0.30 17.65
CA LEU A 287 -16.09 -0.75 18.92
C LEU A 287 -17.18 -1.79 18.63
N ARG A 288 -17.97 -1.58 17.58
CA ARG A 288 -18.97 -2.60 17.17
C ARG A 288 -18.28 -3.87 16.73
N ASP A 289 -17.14 -3.77 16.01
CA ASP A 289 -16.35 -4.91 15.53
C ASP A 289 -15.91 -5.76 16.74
N ALA A 290 -15.61 -5.12 17.86
CA ALA A 290 -15.10 -5.75 19.10
C ALA A 290 -16.25 -6.19 20.01
N GLY A 291 -17.50 -5.88 19.65
CA GLY A 291 -18.69 -6.22 20.44
C GLY A 291 -18.70 -5.52 21.78
N LEU A 292 -18.23 -4.28 21.84
CA LEU A 292 -18.06 -3.56 23.13
C LEU A 292 -19.13 -2.51 23.37
N ASP A 293 -19.41 -2.29 24.66
CA ASP A 293 -20.03 -1.03 25.13
C ASP A 293 -18.92 0.01 25.11
N PRO A 294 -19.13 1.23 24.56
CA PRO A 294 -18.10 2.27 24.61
C PRO A 294 -17.58 2.55 26.02
N ARG A 295 -18.39 2.36 27.07
CA ARG A 295 -17.96 2.55 28.47
C ARG A 295 -16.87 1.57 28.88
N GLN A 296 -16.59 0.53 28.08
CA GLN A 296 -15.51 -0.44 28.39
C GLN A 296 -14.14 0.18 28.06
N VAL A 297 -14.08 1.25 27.28
CA VAL A 297 -12.77 1.84 26.88
C VAL A 297 -12.18 2.61 28.07
N ASP A 298 -10.95 2.25 28.43
CA ASP A 298 -10.21 2.84 29.57
C ASP A 298 -9.16 3.82 29.06
N TYR A 299 -8.52 3.55 27.93
CA TYR A 299 -7.37 4.36 27.47
C TYR A 299 -7.47 4.51 25.95
N ILE A 300 -7.26 5.74 25.50
CA ILE A 300 -7.12 6.06 24.07
C ILE A 300 -5.74 6.63 23.79
N ASN A 301 -4.98 5.97 22.93
CA ASN A 301 -3.76 6.60 22.36
C ASN A 301 -4.23 7.40 21.16
N ALA A 302 -4.34 8.71 21.32
CA ALA A 302 -4.84 9.63 20.28
C ALA A 302 -3.88 9.68 19.10
N HIS A 303 -4.37 10.05 17.93
CA HIS A 303 -3.47 10.48 16.85
C HIS A 303 -2.68 11.71 17.33
N GLY A 304 -3.37 12.74 17.83
CA GLY A 304 -2.77 13.86 18.59
C GLY A 304 -1.49 14.40 18.00
N THR A 305 -1.57 15.02 16.84
CA THR A 305 -0.39 15.43 16.04
C THR A 305 0.15 16.81 16.44
N SER A 306 -0.56 17.59 17.26
CA SER A 306 -0.14 18.96 17.65
C SER A 306 -0.46 19.97 16.53
N THR A 307 -1.42 19.64 15.67
CA THR A 307 -1.97 20.59 14.67
C THR A 307 -3.14 21.28 15.35
N PRO A 308 -3.36 22.57 15.07
CA PRO A 308 -4.57 23.25 15.56
C PRO A 308 -5.88 22.47 15.28
N ALA A 309 -6.15 22.16 14.02
CA ALA A 309 -7.40 21.52 13.54
C ALA A 309 -7.50 20.06 13.96
N GLY A 310 -6.44 19.27 13.80
CA GLY A 310 -6.48 17.83 14.09
C GLY A 310 -6.80 17.58 15.57
N ASP A 311 -6.14 18.28 16.49
CA ASP A 311 -6.25 17.92 17.92
C ASP A 311 -7.67 18.21 18.42
N ILE A 312 -8.26 19.30 17.96
CA ILE A 312 -9.63 19.67 18.40
C ILE A 312 -10.66 18.73 17.74
N ALA A 313 -10.45 18.30 16.50
CA ALA A 313 -11.32 17.32 15.82
C ALA A 313 -11.37 16.03 16.66
N GLU A 314 -10.25 15.65 17.25
CA GLU A 314 -10.20 14.37 18.01
C GLU A 314 -10.99 14.50 19.31
N ILE A 315 -10.87 15.64 19.99
CA ILE A 315 -11.74 15.85 21.19
C ILE A 315 -13.19 15.66 20.76
N ALA A 316 -13.61 16.33 19.69
CA ALA A 316 -15.02 16.32 19.25
C ALA A 316 -15.45 14.89 18.94
N ALA A 317 -14.62 14.12 18.23
CA ALA A 317 -14.91 12.72 17.87
C ALA A 317 -15.07 11.87 19.13
N VAL A 318 -14.15 12.01 20.09
CA VAL A 318 -14.23 11.24 21.37
C VAL A 318 -15.48 11.63 22.14
N LYS A 319 -15.81 12.92 22.20
CA LYS A 319 -17.05 13.31 22.92
C LYS A 319 -18.27 12.73 22.20
N SER A 320 -18.30 12.68 20.87
CA SER A 320 -19.42 12.12 20.10
CA SER A 320 -19.42 12.11 20.08
C SER A 320 -19.58 10.62 20.37
N VAL A 321 -18.50 9.86 20.35
CA VAL A 321 -18.57 8.39 20.48
C VAL A 321 -18.86 8.03 21.94
N PHE A 322 -18.25 8.72 22.91
CA PHE A 322 -18.24 8.23 24.32
C PHE A 322 -19.23 8.99 25.21
N GLY A 323 -19.79 10.11 24.76
CA GLY A 323 -20.71 10.89 25.64
C GLY A 323 -20.10 11.21 26.99
N GLU A 324 -20.82 10.99 28.09
CA GLU A 324 -20.31 11.32 29.46
C GLU A 324 -19.09 10.46 29.80
N HIS A 325 -18.96 9.28 29.18
CA HIS A 325 -17.81 8.37 29.42
C HIS A 325 -16.52 9.02 28.93
N ALA A 326 -16.60 10.00 28.02
CA ALA A 326 -15.38 10.74 27.57
C ALA A 326 -14.63 11.33 28.77
N HIS A 327 -15.31 11.66 29.89
CA HIS A 327 -14.68 12.25 31.09
C HIS A 327 -14.11 11.16 32.01
N ALA A 328 -14.33 9.86 31.75
CA ALA A 328 -13.89 8.76 32.64
C ALA A 328 -12.64 8.07 32.06
N LEU A 329 -12.58 7.95 30.75
CA LEU A 329 -11.40 7.38 30.07
C LEU A 329 -10.23 8.35 30.18
N SER A 330 -9.03 7.85 29.95
CA SER A 330 -7.79 8.63 29.79
C SER A 330 -7.41 8.60 28.34
N MET A 331 -7.03 9.74 27.80
CA MET A 331 -6.51 9.84 26.42
C MET A 331 -5.20 10.61 26.41
N SER A 332 -4.21 10.10 25.70
CA SER A 332 -2.94 10.84 25.61
C SER A 332 -2.35 10.72 24.22
N SER A 333 -1.50 11.66 23.92
CA SER A 333 -0.69 11.65 22.69
C SER A 333 0.76 11.41 23.08
N THR A 334 1.28 10.28 22.66
CA THR A 334 2.72 9.97 22.79
C THR A 334 3.51 10.76 21.74
N LYS A 335 2.87 11.32 20.71
CA LYS A 335 3.59 12.22 19.77
C LYS A 335 4.14 13.45 20.50
N SER A 336 3.64 13.74 21.69
CA SER A 336 4.21 14.83 22.53
C SER A 336 5.69 14.55 22.78
N MET A 337 6.07 13.28 22.79
CA MET A 337 7.46 12.80 23.10
C MET A 337 8.18 12.28 21.84
N THR A 338 7.47 11.55 20.99
CA THR A 338 8.08 10.93 19.80
C THR A 338 8.05 11.83 18.59
N GLY A 339 7.19 12.84 18.56
CA GLY A 339 6.81 13.43 17.28
C GLY A 339 6.01 12.45 16.42
N HIS A 340 5.78 12.86 15.18
CA HIS A 340 4.85 12.18 14.24
C HIS A 340 5.65 11.29 13.32
N LEU A 341 5.59 9.98 13.48
CA LEU A 341 6.33 9.01 12.63
C LEU A 341 5.55 8.70 11.33
N LEU A 342 4.53 9.51 11.00
CA LEU A 342 3.78 9.40 9.72
C LEU A 342 3.32 7.93 9.54
N GLY A 343 3.78 7.22 8.51
CA GLY A 343 3.28 5.86 8.26
C GLY A 343 3.63 4.89 9.40
N ALA A 344 4.66 5.18 10.21
CA ALA A 344 5.01 4.32 11.35
C ALA A 344 4.27 4.72 12.62
N ALA A 345 3.60 5.88 12.66
CA ALA A 345 2.94 6.39 13.89
C ALA A 345 2.01 5.31 14.44
N GLY A 346 1.14 4.75 13.60
CA GLY A 346 0.15 3.76 14.07
C GLY A 346 0.81 2.49 14.59
N ALA A 347 1.96 2.14 14.07
CA ALA A 347 2.64 0.89 14.47
C ALA A 347 3.28 1.13 15.86
N VAL A 348 4.02 2.21 16.05
CA VAL A 348 4.64 2.46 17.38
C VAL A 348 3.56 2.73 18.42
N GLU A 349 2.47 3.41 18.05
CA GLU A 349 1.40 3.73 19.02
C GLU A 349 0.57 2.48 19.34
N ALA A 350 0.45 1.53 18.43
CA ALA A 350 -0.18 0.21 18.74
C ALA A 350 0.67 -0.47 19.84
N ILE A 351 1.98 -0.40 19.69
CA ILE A 351 2.90 -1.02 20.68
C ILE A 351 2.67 -0.32 22.02
N PHE A 352 2.66 1.01 22.04
CA PHE A 352 2.46 1.76 23.32
C PHE A 352 1.10 1.38 23.94
N SER A 353 0.06 1.19 23.13
CA SER A 353 -1.29 0.81 23.62
C SER A 353 -1.22 -0.58 24.29
N VAL A 354 -0.51 -1.51 23.68
CA VAL A 354 -0.32 -2.88 24.19
C VAL A 354 0.48 -2.80 25.50
N LEU A 355 1.49 -1.94 25.57
CA LEU A 355 2.28 -1.81 26.82
C LEU A 355 1.47 -1.10 27.91
N ALA A 356 0.57 -0.18 27.57
CA ALA A 356 -0.35 0.44 28.54
C ALA A 356 -1.21 -0.65 29.20
N LEU A 357 -1.65 -1.67 28.43
CA LEU A 357 -2.37 -2.84 28.99
C LEU A 357 -1.42 -3.68 29.86
N ARG A 358 -0.24 -4.02 29.37
CA ARG A 358 0.70 -4.87 30.15
C ARG A 358 1.01 -4.19 31.49
N ASP A 359 1.31 -2.89 31.48
CA ASP A 359 1.87 -2.19 32.67
C ASP A 359 0.77 -1.46 33.45
N GLN A 360 -0.48 -1.45 32.97
CA GLN A 360 -1.61 -0.74 33.65
C GLN A 360 -1.20 0.70 33.91
N VAL A 361 -0.85 1.41 32.83
CA VAL A 361 -0.42 2.83 32.95
C VAL A 361 -0.80 3.57 31.67
N ALA A 362 -1.35 4.77 31.82
CA ALA A 362 -1.58 5.71 30.70
C ALA A 362 -0.32 6.55 30.52
N PRO A 363 0.33 6.48 29.34
CA PRO A 363 1.44 7.37 28.99
C PRO A 363 1.03 8.84 29.02
N PRO A 364 1.93 9.76 29.40
CA PRO A 364 1.58 11.19 29.47
C PRO A 364 1.41 11.85 28.12
N THR A 365 0.68 12.96 28.10
CA THR A 365 0.86 13.97 27.07
C THR A 365 1.80 15.03 27.65
N ILE A 366 3.05 15.08 27.25
CA ILE A 366 3.96 16.12 27.79
C ILE A 366 3.64 17.46 27.11
N ASN A 367 4.11 18.56 27.72
CA ASN A 367 4.05 19.92 27.17
C ASN A 367 2.63 20.50 27.24
N LEU A 368 1.70 19.85 27.92
CA LEU A 368 0.28 20.27 27.90
C LEU A 368 0.11 21.26 29.04
N ASP A 369 0.73 22.43 28.89
CA ASP A 369 0.84 23.46 29.95
C ASP A 369 -0.52 24.16 30.14
N ASN A 370 -1.18 24.45 29.04
CA ASN A 370 -2.43 25.25 29.01
CA ASN A 370 -2.43 25.25 29.01
C ASN A 370 -3.37 24.62 27.99
N PRO A 371 -4.20 23.66 28.42
CA PRO A 371 -5.13 23.02 27.51
C PRO A 371 -6.01 24.08 26.82
N ASP A 372 -6.23 23.89 25.54
CA ASP A 372 -6.96 24.84 24.67
C ASP A 372 -8.46 24.79 25.01
N GLU A 373 -9.23 25.73 24.45
CA GLU A 373 -10.69 25.76 24.62
C GLU A 373 -11.27 24.40 24.22
N GLY A 374 -12.12 23.84 25.09
CA GLY A 374 -12.87 22.61 24.83
C GLY A 374 -12.03 21.36 25.04
N CYS A 375 -10.75 21.52 25.37
CA CYS A 375 -9.81 20.37 25.54
C CYS A 375 -9.81 19.94 27.01
N ASP A 376 -10.96 19.51 27.52
CA ASP A 376 -11.20 19.41 28.99
C ASP A 376 -11.36 17.97 29.46
N LEU A 377 -10.90 17.00 28.68
CA LEU A 377 -10.87 15.56 29.06
C LEU A 377 -9.65 15.28 29.94
N ASP A 378 -9.55 14.07 30.47
CA ASP A 378 -8.29 13.57 31.09
C ASP A 378 -7.26 13.28 30.00
N LEU A 379 -6.35 14.22 29.73
CA LEU A 379 -5.36 14.08 28.63
C LEU A 379 -4.00 13.70 29.24
N VAL A 380 -4.00 13.24 30.50
CA VAL A 380 -2.80 12.67 31.17
C VAL A 380 -1.68 13.69 31.06
N ALA A 381 -1.95 14.94 31.40
CA ALA A 381 -0.94 16.00 31.24
C ALA A 381 0.32 15.65 32.05
N HIS A 382 1.48 15.81 31.43
CA HIS A 382 2.83 15.92 32.06
C HIS A 382 3.40 14.59 32.58
N GLU A 383 2.61 13.74 33.25
CA GLU A 383 3.15 12.56 33.97
C GLU A 383 2.30 11.33 33.68
N ALA A 384 2.96 10.19 33.52
CA ALA A 384 2.29 8.89 33.31
C ALA A 384 1.35 8.66 34.49
N LYS A 385 0.22 8.02 34.22
CA LYS A 385 -0.79 7.78 35.28
C LYS A 385 -1.13 6.31 35.33
N PRO A 386 -0.65 5.58 36.35
CA PRO A 386 -1.14 4.25 36.65
C PRO A 386 -2.65 4.29 36.85
N ARG A 387 -3.33 3.38 36.20
CA ARG A 387 -4.79 3.18 36.31
C ARG A 387 -5.18 1.82 35.75
N LYS A 388 -6.42 1.44 36.01
CA LYS A 388 -7.02 0.21 35.44
C LYS A 388 -7.24 0.42 33.93
N ILE A 389 -6.70 -0.47 33.11
CA ILE A 389 -6.95 -0.45 31.64
C ILE A 389 -7.25 -1.89 31.22
N ASP A 390 -8.50 -2.17 30.89
CA ASP A 390 -8.89 -3.46 30.28
C ASP A 390 -8.94 -3.35 28.76
N VAL A 391 -9.33 -2.20 28.24
CA VAL A 391 -9.49 -1.95 26.78
C VAL A 391 -8.75 -0.66 26.42
N ALA A 392 -7.93 -0.72 25.38
CA ALA A 392 -7.17 0.44 24.88
C ALA A 392 -7.47 0.59 23.39
N LEU A 393 -7.69 1.81 22.96
CA LEU A 393 -7.92 2.16 21.54
CA LEU A 393 -7.90 2.19 21.53
C LEU A 393 -6.71 2.98 21.03
N SER A 394 -6.32 2.75 19.79
CA SER A 394 -5.29 3.56 19.12
C SER A 394 -5.90 4.09 17.82
N ASN A 395 -5.88 5.41 17.65
CA ASN A 395 -6.45 6.10 16.46
C ASN A 395 -5.35 6.65 15.55
N SER A 396 -5.60 6.59 14.23
CA SER A 396 -4.74 7.24 13.22
C SER A 396 -5.65 7.88 12.17
N PHE A 397 -5.32 9.08 11.73
CA PHE A 397 -6.04 9.80 10.66
CA PHE A 397 -6.03 9.75 10.62
C PHE A 397 -4.98 10.32 9.68
N GLY A 398 -5.30 10.33 8.40
CA GLY A 398 -4.27 10.67 7.41
C GLY A 398 -4.83 11.45 6.23
N PHE A 399 -3.93 11.95 5.41
CA PHE A 399 -4.27 12.61 4.14
C PHE A 399 -5.22 11.72 3.32
N GLY A 400 -6.07 12.36 2.53
CA GLY A 400 -7.12 11.67 1.78
C GLY A 400 -8.32 11.27 2.64
N GLY A 401 -8.34 11.73 3.89
CA GLY A 401 -9.45 11.48 4.83
C GLY A 401 -9.49 10.03 5.30
N THR A 402 -8.33 9.39 5.36
CA THR A 402 -8.24 7.94 5.67
C THR A 402 -8.14 7.84 7.18
N ASN A 403 -8.93 6.98 7.79
CA ASN A 403 -9.04 6.81 9.25
C ASN A 403 -8.87 5.33 9.58
N GLY A 404 -8.17 5.08 10.70
CA GLY A 404 -8.06 3.73 11.25
C GLY A 404 -8.10 3.77 12.78
N THR A 405 -8.72 2.75 13.35
CA THR A 405 -8.82 2.53 14.80
C THR A 405 -8.57 1.07 15.13
N LEU A 406 -7.67 0.82 16.08
CA LEU A 406 -7.45 -0.54 16.64
C LEU A 406 -7.92 -0.57 18.09
N VAL A 407 -8.59 -1.67 18.44
CA VAL A 407 -9.02 -1.93 19.84
C VAL A 407 -8.28 -3.16 20.34
N PHE A 408 -7.54 -2.98 21.43
CA PHE A 408 -6.80 -4.02 22.15
C PHE A 408 -7.45 -4.27 23.51
N ARG A 409 -7.36 -5.51 23.99
CA ARG A 409 -7.95 -5.89 25.28
C ARG A 409 -6.98 -6.78 26.06
N ARG A 410 -6.99 -6.70 27.37
CA ARG A 410 -6.17 -7.62 28.20
C ARG A 410 -6.58 -9.05 27.86
N PHE A 411 -5.62 -9.96 27.87
CA PHE A 411 -5.87 -11.40 27.62
C PHE A 411 -5.58 -12.16 28.94
N ALA A 412 -6.49 -13.02 29.40
CA ALA A 412 -6.35 -13.87 30.63
C ALA A 412 -5.86 -15.28 30.27
N SER B 1 -18.79 -18.38 5.15
CA SER B 1 -20.09 -18.11 4.45
C SER B 1 -20.05 -16.71 3.80
N ARG B 2 -19.23 -16.60 2.77
CA ARG B 2 -18.84 -15.34 2.10
C ARG B 2 -19.88 -14.91 1.07
N ARG B 3 -20.02 -13.61 0.85
CA ARG B 3 -20.92 -13.09 -0.19
C ARG B 3 -20.24 -13.16 -1.55
N ARG B 4 -21.03 -13.23 -2.61
CA ARG B 4 -20.52 -13.32 -4.00
C ARG B 4 -20.22 -11.91 -4.51
N VAL B 5 -19.22 -11.82 -5.38
CA VAL B 5 -18.66 -10.53 -5.84
C VAL B 5 -18.66 -10.52 -7.35
N VAL B 6 -19.27 -9.49 -7.94
CA VAL B 6 -19.35 -9.35 -9.40
C VAL B 6 -18.72 -8.04 -9.84
N ILE B 7 -18.40 -7.98 -11.13
CA ILE B 7 -17.80 -6.78 -11.76
C ILE B 7 -18.92 -6.06 -12.49
N THR B 8 -19.18 -4.79 -12.17
CA THR B 8 -20.30 -4.05 -12.81
C THR B 8 -19.81 -2.83 -13.56
N GLY B 9 -18.53 -2.51 -13.48
CA GLY B 9 -17.98 -1.40 -14.28
C GLY B 9 -16.49 -1.52 -14.39
N MET B 10 -15.96 -1.01 -15.48
CA MET B 10 -14.51 -1.05 -15.73
C MET B 10 -14.08 0.24 -16.42
N GLY B 11 -12.83 0.62 -16.18
CA GLY B 11 -12.23 1.76 -16.88
C GLY B 11 -10.74 1.64 -16.99
N MET B 12 -10.14 2.40 -17.92
CA MET B 12 -8.73 2.15 -18.26
C MET B 12 -8.14 3.30 -19.06
N LEU B 13 -6.87 3.56 -18.78
CA LEU B 13 -5.94 4.21 -19.75
C LEU B 13 -4.85 3.21 -20.07
N SER B 14 -4.50 3.03 -21.34
CA SER B 14 -3.42 2.08 -21.70
C SER B 14 -2.68 2.64 -22.90
N PRO B 15 -1.54 2.03 -23.25
CA PRO B 15 -0.87 2.36 -24.49
C PRO B 15 -1.73 2.04 -25.74
N LEU B 16 -2.81 1.28 -25.60
CA LEU B 16 -3.68 0.95 -26.77
C LEU B 16 -4.92 1.85 -26.85
N GLY B 17 -5.19 2.68 -25.84
CA GLY B 17 -6.41 3.48 -25.89
C GLY B 17 -6.75 4.20 -24.58
N LEU B 18 -7.64 5.17 -24.70
CA LEU B 18 -8.02 6.04 -23.54
C LEU B 18 -9.24 5.50 -22.80
N ASP B 19 -9.71 4.32 -23.16
CA ASP B 19 -10.83 3.66 -22.44
C ASP B 19 -10.77 2.16 -22.70
N VAL B 20 -11.70 1.45 -22.10
CA VAL B 20 -11.66 -0.03 -22.23
C VAL B 20 -11.95 -0.49 -23.67
N PRO B 21 -13.04 -0.06 -24.33
N PRO B 21 -13.08 -0.10 -24.31
CA PRO B 21 -13.36 -0.58 -25.65
CA PRO B 21 -13.39 -0.58 -25.66
C PRO B 21 -12.26 -0.35 -26.69
C PRO B 21 -12.28 -0.34 -26.70
N SER B 22 -11.64 0.84 -26.70
CA SER B 22 -10.54 1.15 -27.63
C SER B 22 -9.33 0.26 -27.33
N SER B 23 -9.01 0.08 -26.06
CA SER B 23 -7.88 -0.78 -25.65
C SER B 23 -8.15 -2.22 -26.12
N TRP B 24 -9.32 -2.75 -25.82
CA TRP B 24 -9.70 -4.14 -26.15
C TRP B 24 -9.73 -4.38 -27.66
N GLU B 25 -10.21 -3.40 -28.42
CA GLU B 25 -10.17 -3.49 -29.90
C GLU B 25 -8.72 -3.71 -30.31
N GLY B 26 -7.78 -2.98 -29.71
CA GLY B 26 -6.34 -3.15 -30.03
C GLY B 26 -5.85 -4.53 -29.66
N ILE B 27 -6.19 -4.98 -28.47
CA ILE B 27 -5.79 -6.32 -27.97
C ILE B 27 -6.24 -7.38 -29.00
N LEU B 28 -7.51 -7.38 -29.39
CA LEU B 28 -8.04 -8.46 -30.28
C LEU B 28 -7.45 -8.35 -31.70
N ALA B 29 -6.97 -7.18 -32.10
CA ALA B 29 -6.35 -6.97 -33.43
C ALA B 29 -4.85 -7.28 -33.40
N GLY B 30 -4.27 -7.61 -32.24
CA GLY B 30 -2.81 -7.81 -32.12
C GLY B 30 -1.98 -6.54 -32.32
N ARG B 31 -2.55 -5.39 -31.95
CA ARG B 31 -1.85 -4.09 -32.11
C ARG B 31 -0.83 -3.87 -30.99
N SER B 32 0.30 -3.28 -31.34
CA SER B 32 1.31 -2.82 -30.37
C SER B 32 0.99 -1.40 -29.94
N GLY B 33 1.07 -1.10 -28.65
CA GLY B 33 1.01 0.26 -28.14
C GLY B 33 2.38 0.84 -27.85
N ILE B 34 3.46 0.18 -28.30
CA ILE B 34 4.85 0.56 -27.93
C ILE B 34 5.44 1.43 -29.07
N ALA B 35 6.07 2.51 -28.68
CA ALA B 35 6.64 3.50 -29.62
C ALA B 35 7.79 4.23 -28.94
N PRO B 36 8.67 4.87 -29.73
CA PRO B 36 9.62 5.80 -29.14
C PRO B 36 8.91 6.82 -28.26
N ILE B 37 9.53 7.09 -27.12
CA ILE B 37 9.02 8.06 -26.11
C ILE B 37 9.31 9.46 -26.63
N GLU B 38 8.29 10.32 -26.62
CA GLU B 38 8.31 11.67 -27.23
C GLU B 38 8.32 12.72 -26.11
N HIS B 39 7.95 12.36 -24.88
CA HIS B 39 7.64 13.35 -23.81
C HIS B 39 8.94 13.77 -23.09
N MET B 40 10.04 13.07 -23.32
CA MET B 40 11.37 13.50 -22.78
C MET B 40 12.46 13.05 -23.74
N ASP B 41 13.68 13.58 -23.54
CA ASP B 41 14.82 13.28 -24.45
C ASP B 41 15.64 12.10 -23.91
N LEU B 42 15.54 10.95 -24.58
CA LEU B 42 16.21 9.69 -24.13
C LEU B 42 17.34 9.33 -25.11
N SER B 43 17.88 10.30 -25.86
CA SER B 43 18.92 10.01 -26.90
CA SER B 43 18.93 10.04 -26.89
C SER B 43 20.11 9.28 -26.26
N ALA B 44 20.46 9.60 -25.00
CA ALA B 44 21.63 9.03 -24.30
C ALA B 44 21.28 7.76 -23.53
N TYR B 45 20.04 7.27 -23.60
CA TYR B 45 19.63 6.08 -22.81
C TYR B 45 19.70 4.84 -23.69
N SER B 46 19.81 3.67 -23.06
CA SER B 46 19.90 2.37 -23.77
C SER B 46 18.52 1.90 -24.24
N THR B 47 17.46 2.40 -23.61
CA THR B 47 16.05 2.16 -24.01
C THR B 47 15.36 3.50 -24.20
N ARG B 48 14.78 3.71 -25.37
CA ARG B 48 14.22 5.02 -25.77
C ARG B 48 12.76 4.87 -26.18
N PHE B 49 12.14 3.73 -25.85
CA PHE B 49 10.75 3.45 -26.22
C PHE B 49 10.02 2.87 -25.00
N GLY B 50 8.71 2.80 -25.14
CA GLY B 50 7.84 2.27 -24.09
C GLY B 50 6.42 2.44 -24.48
N GLY B 51 5.51 2.12 -23.55
CA GLY B 51 4.07 2.26 -23.81
C GLY B 51 3.55 3.49 -23.13
N SER B 52 3.35 4.56 -23.89
CA SER B 52 2.85 5.85 -23.37
C SER B 52 1.32 5.88 -23.50
N VAL B 53 0.66 6.63 -22.63
CA VAL B 53 -0.77 6.98 -22.82
C VAL B 53 -0.76 8.16 -23.80
N LYS B 54 -1.46 8.05 -24.91
CA LYS B 54 -1.39 9.07 -25.99
C LYS B 54 -2.69 9.86 -26.03
N GLY B 55 -2.56 11.18 -25.92
CA GLY B 55 -3.68 12.12 -26.09
C GLY B 55 -4.59 12.18 -24.86
N PHE B 56 -4.07 11.88 -23.68
CA PHE B 56 -4.86 11.96 -22.41
C PHE B 56 -5.26 13.41 -22.15
N ASN B 57 -6.54 13.62 -21.89
CA ASN B 57 -7.11 14.97 -21.64
CA ASN B 57 -7.12 14.96 -21.65
C ASN B 57 -7.70 15.00 -20.24
N VAL B 58 -6.87 15.42 -19.26
CA VAL B 58 -7.22 15.35 -17.84
C VAL B 58 -8.42 16.26 -17.58
N GLU B 59 -8.66 17.28 -18.40
CA GLU B 59 -9.78 18.26 -18.18
C GLU B 59 -11.15 17.63 -18.54
N GLU B 60 -11.19 16.40 -19.08
CA GLU B 60 -12.43 15.60 -19.10
C GLU B 60 -12.84 15.19 -17.69
N TYR B 61 -11.88 15.14 -16.75
CA TYR B 61 -12.12 14.60 -15.40
C TYR B 61 -11.97 15.66 -14.31
N LEU B 62 -10.96 16.52 -14.44
CA LEU B 62 -10.57 17.46 -13.40
C LEU B 62 -10.49 18.88 -13.96
N SER B 63 -10.66 19.85 -13.08
CA SER B 63 -10.28 21.26 -13.39
C SER B 63 -8.76 21.34 -13.61
N ALA B 64 -8.31 22.33 -14.38
CA ALA B 64 -6.88 22.67 -14.54
C ALA B 64 -6.25 22.87 -13.16
N LYS B 65 -6.95 23.49 -12.22
CA LYS B 65 -6.49 23.79 -10.83
CA LYS B 65 -6.33 23.78 -10.90
C LYS B 65 -6.19 22.47 -10.11
N GLU B 66 -7.18 21.56 -10.12
CA GLU B 66 -7.03 20.21 -9.50
C GLU B 66 -5.88 19.45 -10.18
N ALA B 67 -5.85 19.45 -11.51
CA ALA B 67 -4.86 18.61 -12.25
C ALA B 67 -3.44 19.08 -11.90
N ARG B 68 -3.21 20.40 -11.72
CA ARG B 68 -1.83 20.92 -11.47
C ARG B 68 -1.27 20.36 -10.15
N LYS B 69 -2.11 19.98 -9.19
CA LYS B 69 -1.69 19.50 -7.83
C LYS B 69 -1.25 18.04 -7.90
N LEU B 70 -1.66 17.32 -8.93
CA LEU B 70 -1.63 15.83 -8.87
C LEU B 70 -0.60 15.26 -9.83
N ASP B 71 0.24 14.35 -9.36
CA ASP B 71 1.12 13.58 -10.26
C ASP B 71 0.30 12.89 -11.35
N LEU B 72 0.91 12.66 -12.50
CA LEU B 72 0.30 11.90 -13.60
C LEU B 72 -0.20 10.54 -13.12
N PHE B 73 0.49 9.81 -12.22
CA PHE B 73 -0.03 8.47 -11.86
C PHE B 73 -1.40 8.63 -11.18
N ILE B 74 -1.59 9.73 -10.45
CA ILE B 74 -2.90 9.96 -9.77
C ILE B 74 -3.93 10.40 -10.79
N GLN B 75 -3.56 11.25 -11.73
CA GLN B 75 -4.49 11.63 -12.83
C GLN B 75 -4.97 10.36 -13.55
N TYR B 76 -4.06 9.46 -13.88
CA TYR B 76 -4.42 8.25 -14.64
C TYR B 76 -5.35 7.38 -13.78
N GLY B 77 -5.02 7.20 -12.48
CA GLY B 77 -5.86 6.38 -11.59
C GLY B 77 -7.26 6.97 -11.47
N LEU B 78 -7.36 8.28 -11.35
CA LEU B 78 -8.68 8.92 -11.23
C LEU B 78 -9.45 8.78 -12.55
N ALA B 79 -8.78 8.92 -13.71
CA ALA B 79 -9.48 8.76 -15.02
C ALA B 79 -10.11 7.35 -15.09
N ALA B 80 -9.34 6.32 -14.74
CA ALA B 80 -9.85 4.93 -14.82
C ALA B 80 -11.00 4.77 -13.82
N SER B 81 -10.87 5.32 -12.63
CA SER B 81 -11.85 5.20 -11.51
C SER B 81 -13.17 5.86 -11.94
N PHE B 82 -13.07 7.09 -12.44
CA PHE B 82 -14.27 7.83 -12.92
C PHE B 82 -14.93 7.02 -14.03
N GLN B 83 -14.18 6.55 -15.03
CA GLN B 83 -14.77 5.73 -16.10
C GLN B 83 -15.53 4.53 -15.51
N ALA B 84 -14.87 3.78 -14.63
CA ALA B 84 -15.47 2.56 -14.06
C ALA B 84 -16.76 2.90 -13.30
N VAL B 85 -16.78 3.95 -12.49
CA VAL B 85 -17.99 4.31 -11.73
C VAL B 85 -19.10 4.71 -12.72
N ARG B 86 -18.76 5.50 -13.73
CA ARG B 86 -19.77 5.85 -14.76
C ARG B 86 -20.30 4.57 -15.43
N ASP B 87 -19.39 3.69 -15.83
CA ASP B 87 -19.70 2.42 -16.55
C ASP B 87 -20.67 1.58 -15.69
N SER B 88 -20.52 1.63 -14.37
CA SER B 88 -21.32 0.80 -13.44
C SER B 88 -22.76 1.28 -13.33
N GLY B 89 -23.02 2.55 -13.57
CA GLY B 89 -24.32 3.20 -13.34
C GLY B 89 -24.67 3.38 -11.88
N LEU B 90 -23.74 3.16 -10.94
CA LEU B 90 -24.03 3.27 -9.50
C LEU B 90 -24.40 4.71 -9.15
N GLU B 91 -25.42 4.90 -8.31
CA GLU B 91 -25.80 6.21 -7.75
C GLU B 91 -25.38 6.22 -6.28
N VAL B 92 -24.47 7.11 -5.91
CA VAL B 92 -24.01 7.31 -4.51
C VAL B 92 -25.03 8.19 -3.80
N THR B 93 -25.51 7.75 -2.66
CA THR B 93 -26.52 8.46 -1.84
C THR B 93 -26.09 8.48 -0.40
N ASP B 94 -26.77 9.29 0.44
CA ASP B 94 -26.55 9.22 1.90
C ASP B 94 -26.85 7.83 2.42
N ALA B 95 -27.77 7.08 1.82
CA ALA B 95 -28.16 5.75 2.33
C ALA B 95 -27.04 4.72 2.03
N ASN B 96 -26.17 4.92 1.01
CA ASN B 96 -25.17 3.87 0.68
C ASN B 96 -23.71 4.35 0.80
N ARG B 97 -23.44 5.63 1.05
CA ARG B 97 -22.05 6.14 0.88
C ARG B 97 -21.08 5.51 1.90
N GLU B 98 -21.55 5.04 3.05
CA GLU B 98 -20.67 4.37 4.04
C GLU B 98 -20.35 2.94 3.58
N ARG B 99 -21.00 2.45 2.53
CA ARG B 99 -20.86 1.05 2.08
C ARG B 99 -20.01 1.00 0.81
N ILE B 100 -19.52 2.15 0.32
CA ILE B 100 -18.78 2.19 -0.98
C ILE B 100 -17.36 2.68 -0.65
N GLY B 101 -16.34 1.87 -0.95
CA GLY B 101 -14.94 2.23 -0.67
C GLY B 101 -14.08 2.21 -1.91
N VAL B 102 -12.79 2.41 -1.72
CA VAL B 102 -11.83 2.51 -2.85
C VAL B 102 -10.48 1.97 -2.41
N SER B 103 -9.89 1.15 -3.26
CA SER B 103 -8.48 0.69 -3.08
C SER B 103 -7.82 0.74 -4.45
N MET B 104 -7.25 1.87 -4.76
CA MET B 104 -6.46 2.07 -5.98
C MET B 104 -5.00 2.22 -5.55
N GLY B 105 -4.10 1.45 -6.16
CA GLY B 105 -2.68 1.50 -5.75
C GLY B 105 -1.72 1.86 -6.83
N SER B 106 -0.44 1.84 -6.50
CA SER B 106 0.65 2.07 -7.47
C SER B 106 1.88 1.34 -6.98
N GLY B 107 2.72 0.90 -7.91
CA GLY B 107 4.00 0.26 -7.56
C GLY B 107 5.02 1.26 -7.08
N ILE B 108 5.20 2.36 -7.81
CA ILE B 108 6.33 3.28 -7.61
C ILE B 108 5.77 4.67 -7.30
N GLY B 109 4.58 5.01 -7.80
CA GLY B 109 3.96 6.30 -7.45
C GLY B 109 4.62 7.48 -8.12
N GLY B 110 4.82 8.57 -7.39
CA GLY B 110 4.95 9.92 -7.97
C GLY B 110 6.37 10.29 -8.42
N LEU B 111 6.99 9.49 -9.27
CA LEU B 111 8.39 9.74 -9.73
C LEU B 111 8.50 11.06 -10.45
N THR B 112 7.57 11.37 -11.37
CA THR B 112 7.62 12.61 -12.20
C THR B 112 7.55 13.83 -11.28
N ASN B 113 6.60 13.86 -10.35
CA ASN B 113 6.49 14.97 -9.37
C ASN B 113 7.76 15.07 -8.51
N ILE B 114 8.33 13.95 -8.08
CA ILE B 114 9.56 13.99 -7.23
C ILE B 114 10.71 14.58 -8.08
N GLU B 115 10.89 14.12 -9.33
CA GLU B 115 11.88 14.70 -10.29
C GLU B 115 11.72 16.22 -10.36
N ASN B 116 10.51 16.70 -10.64
CA ASN B 116 10.23 18.15 -10.86
C ASN B 116 10.57 18.94 -9.59
N ASN B 117 10.23 18.40 -8.43
CA ASN B 117 10.44 19.09 -7.16
C ASN B 117 11.94 19.04 -6.82
N CYS B 118 12.64 17.97 -7.21
CA CYS B 118 14.10 17.85 -7.02
C CYS B 118 14.79 18.92 -7.84
N ARG B 119 14.29 19.23 -9.04
CA ARG B 119 14.86 20.35 -9.82
C ARG B 119 14.79 21.66 -9.01
N SER B 120 13.62 22.04 -8.51
CA SER B 120 13.43 23.26 -7.69
CA SER B 120 13.45 23.28 -7.71
C SER B 120 14.37 23.25 -6.47
N LEU B 121 14.42 22.12 -5.75
CA LEU B 121 15.22 22.01 -4.50
C LEU B 121 16.71 22.26 -4.77
N PHE B 122 17.25 21.57 -5.76
CA PHE B 122 18.73 21.55 -6.01
C PHE B 122 19.15 22.91 -6.59
N GLU B 123 18.34 23.53 -7.45
CA GLU B 123 18.74 24.76 -8.16
C GLU B 123 18.41 26.00 -7.31
N GLN B 124 17.43 25.95 -6.42
CA GLN B 124 16.92 27.16 -5.70
C GLN B 124 16.79 26.97 -4.19
N GLY B 125 16.71 25.73 -3.67
CA GLY B 125 16.48 25.47 -2.24
C GLY B 125 15.03 25.11 -1.95
N PRO B 126 14.70 24.84 -0.67
CA PRO B 126 13.40 24.32 -0.27
C PRO B 126 12.19 25.23 -0.47
N ARG B 127 12.39 26.54 -0.61
CA ARG B 127 11.25 27.50 -0.55
C ARG B 127 10.46 27.42 -1.87
N ARG B 128 10.96 26.75 -2.89
CA ARG B 128 10.27 26.60 -4.20
C ARG B 128 9.54 25.24 -4.29
N ILE B 129 9.62 24.40 -3.27
CA ILE B 129 8.84 23.12 -3.28
C ILE B 129 7.36 23.46 -3.19
N SER B 130 6.52 22.80 -3.98
CA SER B 130 5.06 23.06 -3.98
C SER B 130 4.43 22.77 -2.61
N PRO B 131 3.52 23.63 -2.12
CA PRO B 131 2.74 23.34 -0.92
C PRO B 131 1.87 22.08 -1.05
N PHE B 132 1.64 21.61 -2.28
CA PHE B 132 0.81 20.40 -2.60
C PHE B 132 1.72 19.21 -2.92
N PHE B 133 3.03 19.33 -2.78
CA PHE B 133 3.98 18.27 -3.15
C PHE B 133 3.59 16.93 -2.47
N VAL B 134 3.41 16.91 -1.14
CA VAL B 134 3.17 15.61 -0.42
C VAL B 134 1.82 15.03 -0.86
N PRO B 135 0.67 15.72 -0.66
CA PRO B 135 -0.62 15.11 -1.01
C PRO B 135 -0.75 14.86 -2.51
N GLY B 136 -0.05 15.61 -3.37
CA GLY B 136 -0.11 15.42 -4.82
C GLY B 136 0.78 14.29 -5.32
N SER B 137 1.56 13.63 -4.45
CA SER B 137 2.61 12.66 -4.89
C SER B 137 2.46 11.31 -4.20
N ILE B 138 1.72 11.25 -3.11
CA ILE B 138 1.69 9.98 -2.32
C ILE B 138 0.62 9.04 -2.88
N ILE B 139 0.89 7.74 -2.69
CA ILE B 139 0.18 6.70 -3.48
C ILE B 139 -1.30 6.62 -3.07
N ASN B 140 -1.65 6.95 -1.84
CA ASN B 140 -3.05 6.77 -1.39
C ASN B 140 -3.96 7.91 -1.91
N MET B 141 -3.47 8.83 -2.73
CA MET B 141 -4.26 10.03 -3.08
CA MET B 141 -4.28 10.01 -3.06
C MET B 141 -5.21 9.74 -4.26
N VAL B 142 -5.05 8.63 -5.00
CA VAL B 142 -6.14 8.21 -5.95
C VAL B 142 -7.38 7.85 -5.14
N SER B 143 -7.22 6.94 -4.18
CA SER B 143 -8.28 6.58 -3.23
C SER B 143 -8.81 7.83 -2.52
N GLY B 144 -7.92 8.68 -2.01
CA GLY B 144 -8.28 9.91 -1.31
CA GLY B 144 -8.29 9.91 -1.31
C GLY B 144 -9.13 10.83 -2.17
N PHE B 145 -8.60 11.25 -3.32
CA PHE B 145 -9.32 12.22 -4.18
C PHE B 145 -10.62 11.60 -4.69
N LEU B 146 -10.64 10.33 -5.05
CA LEU B 146 -11.90 9.74 -5.59
C LEU B 146 -12.92 9.78 -4.46
N SER B 147 -12.52 9.41 -3.22
CA SER B 147 -13.49 9.38 -2.09
C SER B 147 -14.04 10.79 -1.83
N ILE B 148 -13.19 11.81 -1.94
CA ILE B 148 -13.65 13.19 -1.62
C ILE B 148 -14.58 13.64 -2.76
N HIS B 149 -14.22 13.38 -4.01
CA HIS B 149 -15.01 13.86 -5.19
C HIS B 149 -16.39 13.17 -5.24
N LEU B 150 -16.47 11.87 -4.93
CA LEU B 150 -17.72 11.11 -5.09
C LEU B 150 -18.45 10.96 -3.75
N GLY B 151 -17.83 11.34 -2.63
CA GLY B 151 -18.43 11.25 -1.28
C GLY B 151 -18.45 9.81 -0.78
N LEU B 152 -17.40 9.02 -1.07
CA LEU B 152 -17.29 7.63 -0.66
C LEU B 152 -16.76 7.57 0.77
N GLN B 153 -17.49 6.93 1.68
CA GLN B 153 -17.12 6.89 3.12
C GLN B 153 -16.83 5.46 3.57
N GLY B 154 -16.75 4.49 2.66
CA GLY B 154 -16.38 3.13 3.02
C GLY B 154 -14.86 2.99 3.17
N PRO B 155 -14.35 1.74 3.24
CA PRO B 155 -12.92 1.50 3.41
C PRO B 155 -12.12 2.22 2.33
N ASN B 156 -11.11 2.94 2.76
CA ASN B 156 -10.33 3.84 1.90
C ASN B 156 -8.87 3.53 2.15
N TYR B 157 -8.22 2.87 1.18
CA TYR B 157 -6.81 2.48 1.38
C TYR B 157 -6.15 2.26 0.03
N ALA B 158 -4.86 1.93 0.06
CA ALA B 158 -4.05 1.74 -1.14
C ALA B 158 -3.00 0.68 -0.84
N LEU B 159 -2.85 -0.22 -1.80
CA LEU B 159 -1.82 -1.29 -1.83
C LEU B 159 -0.63 -0.72 -2.60
N THR B 160 0.56 -1.14 -2.23
CA THR B 160 1.77 -0.91 -3.05
C THR B 160 2.57 -2.20 -2.95
N THR B 161 2.39 -3.07 -3.93
CA THR B 161 3.11 -4.35 -4.02
C THR B 161 3.82 -4.43 -5.36
N ALA B 162 4.53 -3.39 -5.73
CA ALA B 162 5.35 -3.38 -6.97
C ALA B 162 4.48 -3.83 -8.14
N GLN B 163 4.95 -4.79 -8.95
CA GLN B 163 4.23 -5.21 -10.17
C GLN B 163 2.98 -6.05 -9.91
N THR B 164 2.66 -6.35 -8.66
CA THR B 164 1.49 -7.16 -8.27
C THR B 164 0.38 -6.23 -7.77
N THR B 165 0.61 -4.92 -7.67
CA THR B 165 -0.30 -4.00 -6.98
C THR B 165 -1.75 -4.13 -7.50
N GLY B 166 -1.97 -4.08 -8.81
CA GLY B 166 -3.35 -4.04 -9.33
C GLY B 166 -4.09 -5.32 -8.99
N THR B 167 -3.40 -6.45 -9.04
CA THR B 167 -4.00 -7.75 -8.72
C THR B 167 -4.36 -7.79 -7.24
N HIS B 168 -3.42 -7.48 -6.34
CA HIS B 168 -3.70 -7.48 -4.89
C HIS B 168 -4.80 -6.47 -4.52
N SER B 169 -4.84 -5.33 -5.23
CA SER B 169 -5.82 -4.26 -4.91
C SER B 169 -7.23 -4.82 -5.19
N ILE B 170 -7.38 -5.49 -6.32
CA ILE B 170 -8.69 -6.06 -6.75
C ILE B 170 -9.05 -7.19 -5.78
N GLY B 171 -8.10 -8.05 -5.43
CA GLY B 171 -8.37 -9.21 -4.59
C GLY B 171 -8.81 -8.79 -3.22
N MET B 172 -8.07 -7.88 -2.59
CA MET B 172 -8.37 -7.46 -1.22
C MET B 172 -9.68 -6.67 -1.18
N ALA B 173 -9.95 -5.87 -2.21
CA ALA B 173 -11.25 -5.17 -2.33
C ALA B 173 -12.42 -6.18 -2.40
N ALA B 174 -12.27 -7.25 -3.20
CA ALA B 174 -13.26 -8.35 -3.28
C ALA B 174 -13.46 -8.97 -1.89
N ARG B 175 -12.39 -9.16 -1.10
CA ARG B 175 -12.50 -9.73 0.26
C ARG B 175 -13.31 -8.77 1.13
N ASN B 176 -13.09 -7.46 1.04
CA ASN B 176 -13.90 -6.45 1.79
C ASN B 176 -15.39 -6.72 1.57
N ILE B 177 -15.78 -6.92 0.33
CA ILE B 177 -17.21 -7.08 0.00
C ILE B 177 -17.66 -8.47 0.45
N ALA B 178 -16.88 -9.52 0.17
CA ALA B 178 -17.25 -10.91 0.51
C ALA B 178 -17.51 -11.01 2.01
N TYR B 179 -16.73 -10.32 2.83
CA TYR B 179 -16.82 -10.44 4.30
C TYR B 179 -17.71 -9.35 4.91
N GLY B 180 -18.42 -8.54 4.11
CA GLY B 180 -19.42 -7.59 4.64
C GLY B 180 -18.88 -6.24 5.07
N GLU B 181 -17.64 -5.89 4.75
CA GLU B 181 -17.01 -4.60 5.16
C GLU B 181 -17.42 -3.48 4.18
N ALA B 182 -17.94 -3.83 3.01
CA ALA B 182 -18.43 -2.87 1.99
C ALA B 182 -19.38 -3.62 1.07
N ASP B 183 -20.21 -2.91 0.34
CA ASP B 183 -21.08 -3.53 -0.69
C ASP B 183 -20.50 -3.23 -2.08
N VAL B 184 -19.71 -2.17 -2.20
CA VAL B 184 -19.11 -1.73 -3.48
C VAL B 184 -17.67 -1.28 -3.21
N MET B 185 -16.74 -1.65 -4.08
CA MET B 185 -15.36 -1.10 -4.02
C MET B 185 -14.93 -0.73 -5.44
N VAL B 186 -14.23 0.40 -5.56
CA VAL B 186 -13.49 0.72 -6.78
C VAL B 186 -12.07 0.27 -6.55
N ALA B 187 -11.51 -0.60 -7.41
CA ALA B 187 -10.19 -1.16 -7.13
C ALA B 187 -9.38 -1.32 -8.42
N GLY B 188 -8.07 -1.28 -8.26
CA GLY B 188 -7.15 -1.34 -9.41
C GLY B 188 -5.86 -0.61 -9.11
N GLY B 189 -5.25 -0.07 -10.15
CA GLY B 189 -3.94 0.54 -9.99
C GLY B 189 -3.60 1.46 -11.14
N SER B 190 -2.57 2.25 -10.92
CA SER B 190 -2.08 3.25 -11.90
C SER B 190 -0.57 3.40 -11.77
N GLU B 191 0.05 3.81 -12.87
CA GLU B 191 1.51 3.94 -12.92
C GLU B 191 1.90 4.92 -13.99
N MET B 192 2.84 5.80 -13.68
CA MET B 192 3.53 6.64 -14.69
CA MET B 192 3.56 6.60 -14.72
C MET B 192 5.01 6.76 -14.24
N ALA B 193 5.82 5.81 -14.64
CA ALA B 193 7.24 5.75 -14.22
C ALA B 193 8.14 6.08 -15.42
N ALA B 194 7.60 6.49 -16.58
CA ALA B 194 8.44 6.92 -17.76
C ALA B 194 9.03 8.31 -17.53
N CYS B 195 10.12 8.35 -16.81
CA CYS B 195 10.89 9.57 -16.55
C CYS B 195 12.33 9.09 -16.50
N GLY B 196 13.30 9.99 -16.35
CA GLY B 196 14.70 9.56 -16.30
C GLY B 196 14.93 8.56 -15.19
N LEU B 197 14.38 8.78 -14.00
CA LEU B 197 14.55 7.86 -12.84
C LEU B 197 14.00 6.48 -13.15
N GLY B 198 12.84 6.40 -13.81
CA GLY B 198 12.21 5.11 -14.20
C GLY B 198 13.03 4.38 -15.23
N LEU B 199 13.23 4.98 -16.40
CA LEU B 199 13.98 4.38 -17.53
C LEU B 199 15.44 4.19 -17.11
N GLY B 200 15.98 5.12 -16.34
CA GLY B 200 17.36 5.03 -15.83
C GLY B 200 17.50 3.99 -14.75
N GLY B 201 16.53 3.88 -13.83
CA GLY B 201 16.56 2.90 -12.71
C GLY B 201 16.49 1.46 -13.19
N PHE B 202 15.50 1.16 -14.04
CA PHE B 202 15.35 -0.17 -14.67
C PHE B 202 16.47 -0.38 -15.69
N GLY B 203 16.96 0.69 -16.34
CA GLY B 203 18.11 0.62 -17.25
C GLY B 203 19.39 0.19 -16.53
N ALA B 204 19.66 0.78 -15.38
CA ALA B 204 20.85 0.48 -14.55
C ALA B 204 20.80 -1.00 -14.11
N ALA B 205 19.61 -1.56 -13.88
CA ALA B 205 19.44 -3.00 -13.54
C ALA B 205 19.46 -3.88 -14.79
N ARG B 206 19.56 -3.31 -15.98
CA ARG B 206 19.64 -4.06 -17.26
C ARG B 206 18.37 -4.90 -17.46
N ALA B 207 17.23 -4.44 -16.98
CA ALA B 207 15.97 -5.22 -16.93
C ALA B 207 15.12 -4.97 -18.18
N LEU B 208 15.38 -3.87 -18.90
CA LEU B 208 14.57 -3.44 -20.06
C LEU B 208 15.09 -4.03 -21.35
N SER B 209 14.20 -4.35 -22.28
CA SER B 209 14.56 -4.59 -23.70
C SER B 209 15.27 -3.34 -24.22
N THR B 210 16.31 -3.54 -25.04
CA THR B 210 17.00 -2.46 -25.77
C THR B 210 16.78 -2.59 -27.29
N ARG B 211 15.67 -3.16 -27.75
CA ARG B 211 15.37 -3.28 -29.20
C ARG B 211 14.79 -1.96 -29.76
N ASN B 212 15.61 -0.91 -29.79
CA ASN B 212 15.19 0.45 -30.22
C ASN B 212 14.85 0.49 -31.70
N ASP B 213 15.42 -0.41 -32.51
CA ASP B 213 15.19 -0.41 -33.98
C ASP B 213 13.77 -0.89 -34.32
N GLU B 214 13.17 -1.70 -33.45
CA GLU B 214 11.84 -2.28 -33.75
C GLU B 214 11.06 -2.31 -32.43
N PRO B 215 10.65 -1.15 -31.88
CA PRO B 215 9.99 -1.15 -30.57
C PRO B 215 8.77 -2.08 -30.49
N THR B 216 8.01 -2.24 -31.57
CA THR B 216 6.75 -3.03 -31.56
C THR B 216 7.09 -4.52 -31.42
N ARG B 217 8.33 -4.93 -31.71
CA ARG B 217 8.79 -6.34 -31.62
C ARG B 217 9.52 -6.58 -30.31
N ALA B 218 9.72 -5.56 -29.47
CA ALA B 218 10.59 -5.68 -28.28
C ALA B 218 9.96 -6.63 -27.25
N SER B 219 8.69 -6.47 -26.97
CA SER B 219 7.97 -7.28 -25.95
C SER B 219 7.55 -8.58 -26.61
N ARG B 220 8.23 -9.66 -26.24
CA ARG B 220 8.07 -10.95 -26.97
C ARG B 220 8.13 -12.08 -25.96
N PRO B 221 7.09 -12.19 -25.09
CA PRO B 221 7.08 -13.19 -24.04
C PRO B 221 7.23 -14.60 -24.63
N TRP B 222 8.11 -15.36 -23.99
CA TRP B 222 8.41 -16.79 -24.27
C TRP B 222 9.18 -16.93 -25.59
N ASP B 223 9.44 -15.85 -26.32
CA ASP B 223 10.22 -15.95 -27.57
C ASP B 223 11.70 -16.11 -27.23
N ARG B 224 12.41 -16.92 -28.03
CA ARG B 224 13.84 -17.20 -27.74
CA ARG B 224 13.86 -17.21 -27.86
C ARG B 224 14.69 -15.92 -27.78
N ASP B 225 14.27 -14.85 -28.51
CA ASP B 225 15.06 -13.60 -28.68
C ASP B 225 14.59 -12.50 -27.70
N ARG B 226 13.77 -12.81 -26.70
CA ARG B 226 13.37 -11.78 -25.70
C ARG B 226 14.60 -11.28 -24.94
N ASP B 227 14.58 -10.02 -24.51
CA ASP B 227 15.76 -9.39 -23.87
C ASP B 227 15.30 -8.39 -22.80
N GLY B 228 14.18 -8.66 -22.10
CA GLY B 228 13.72 -7.82 -20.99
C GLY B 228 12.37 -7.15 -21.29
N PHE B 229 11.84 -6.50 -20.26
CA PHE B 229 10.46 -5.98 -20.33
C PHE B 229 10.48 -4.62 -20.97
N VAL B 230 9.29 -4.23 -21.41
CA VAL B 230 8.98 -2.90 -21.97
C VAL B 230 8.18 -2.11 -20.92
N LEU B 231 8.67 -0.95 -20.56
CA LEU B 231 8.04 -0.12 -19.50
C LEU B 231 6.84 0.64 -20.09
N SER B 232 5.67 0.55 -19.42
CA SER B 232 4.42 1.17 -19.92
C SER B 232 3.69 1.90 -18.78
N ASP B 233 2.83 2.84 -19.19
CA ASP B 233 2.08 3.74 -18.32
C ASP B 233 0.58 3.44 -18.46
N GLY B 234 -0.18 3.75 -17.41
CA GLY B 234 -1.64 3.69 -17.55
C GLY B 234 -2.32 3.34 -16.25
N SER B 235 -3.54 2.84 -16.36
CA SER B 235 -4.40 2.60 -15.20
C SER B 235 -5.52 1.67 -15.56
N GLY B 236 -6.00 0.93 -14.56
CA GLY B 236 -7.22 0.13 -14.68
C GLY B 236 -8.00 0.21 -13.39
N ALA B 237 -9.32 0.24 -13.48
CA ALA B 237 -10.20 0.25 -12.32
C ALA B 237 -11.38 -0.64 -12.61
N LEU B 238 -11.82 -1.35 -11.57
CA LEU B 238 -13.06 -2.15 -11.63
CA LEU B 238 -13.04 -2.19 -11.60
C LEU B 238 -13.98 -1.68 -10.52
N VAL B 239 -15.28 -1.65 -10.82
CA VAL B 239 -16.29 -1.52 -9.74
C VAL B 239 -16.67 -2.96 -9.38
N LEU B 240 -16.30 -3.34 -8.16
CA LEU B 240 -16.66 -4.65 -7.55
CA LEU B 240 -16.67 -4.65 -7.56
C LEU B 240 -17.92 -4.44 -6.74
N GLU B 241 -18.85 -5.41 -6.77
CA GLU B 241 -20.16 -5.19 -6.14
C GLU B 241 -20.68 -6.52 -5.60
N GLU B 242 -21.28 -6.46 -4.42
CA GLU B 242 -21.95 -7.64 -3.85
C GLU B 242 -23.13 -8.01 -4.77
N LEU B 243 -23.32 -9.31 -4.98
CA LEU B 243 -24.18 -9.81 -6.07
C LEU B 243 -25.63 -9.36 -5.88
N GLU B 244 -26.19 -9.52 -4.69
CA GLU B 244 -27.61 -9.13 -4.44
C GLU B 244 -27.78 -7.60 -4.58
N HIS B 245 -26.78 -6.80 -4.15
CA HIS B 245 -26.75 -5.33 -4.37
C HIS B 245 -26.84 -5.02 -5.87
N ALA B 246 -26.05 -5.72 -6.71
CA ALA B 246 -26.00 -5.49 -8.17
C ALA B 246 -27.39 -5.83 -8.75
N ARG B 247 -27.93 -6.98 -8.34
CA ARG B 247 -29.25 -7.47 -8.84
C ARG B 247 -30.36 -6.49 -8.46
N ALA B 248 -30.34 -6.00 -7.23
CA ALA B 248 -31.41 -5.13 -6.68
C ALA B 248 -31.53 -3.86 -7.53
N ARG B 249 -30.41 -3.31 -8.03
CA ARG B 249 -30.44 -2.06 -8.84
C ARG B 249 -30.46 -2.36 -10.36
N GLY B 250 -30.51 -3.60 -10.79
CA GLY B 250 -30.52 -3.97 -12.23
C GLY B 250 -29.21 -3.64 -12.92
N ALA B 251 -28.09 -3.80 -12.22
CA ALA B 251 -26.74 -3.60 -12.79
C ALA B 251 -26.49 -4.61 -13.93
N ARG B 252 -25.74 -4.15 -14.90
CA ARG B 252 -25.11 -5.03 -15.93
CA ARG B 252 -25.13 -5.06 -15.92
C ARG B 252 -23.88 -5.67 -15.28
N ILE B 253 -23.86 -7.00 -15.22
CA ILE B 253 -22.76 -7.79 -14.60
C ILE B 253 -21.87 -8.33 -15.73
N TYR B 254 -20.59 -8.01 -15.72
CA TYR B 254 -19.64 -8.51 -16.75
C TYR B 254 -19.22 -9.96 -16.44
N ALA B 255 -18.96 -10.27 -15.17
CA ALA B 255 -18.36 -11.54 -14.72
C ALA B 255 -18.37 -11.60 -13.21
N GLU B 256 -18.11 -12.80 -12.67
CA GLU B 256 -17.97 -13.01 -11.22
C GLU B 256 -16.48 -13.12 -10.86
N LEU B 257 -16.08 -12.54 -9.72
CA LEU B 257 -14.75 -12.75 -9.16
C LEU B 257 -14.87 -13.86 -8.11
N VAL B 258 -14.37 -15.05 -8.41
CA VAL B 258 -14.61 -16.24 -7.55
C VAL B 258 -13.39 -16.61 -6.71
N GLY B 259 -12.17 -16.19 -7.08
CA GLY B 259 -11.00 -16.60 -6.29
C GLY B 259 -9.92 -15.56 -6.28
N PHE B 260 -9.18 -15.55 -5.19
CA PHE B 260 -8.00 -14.68 -5.03
C PHE B 260 -6.97 -15.45 -4.22
N GLY B 261 -5.77 -15.47 -4.74
CA GLY B 261 -4.61 -16.13 -4.07
C GLY B 261 -3.44 -15.19 -3.94
N MET B 262 -2.68 -15.40 -2.87
CA MET B 262 -1.45 -14.63 -2.59
C MET B 262 -0.39 -15.63 -2.16
N SER B 263 0.86 -15.29 -2.40
CA SER B 263 1.98 -16.06 -1.82
C SER B 263 3.20 -15.20 -1.83
N GLY B 264 4.19 -15.54 -1.02
CA GLY B 264 5.56 -15.05 -1.15
C GLY B 264 6.52 -16.15 -1.61
N ASP B 265 7.42 -15.85 -2.54
CA ASP B 265 8.45 -16.82 -2.96
CA ASP B 265 8.51 -16.75 -3.01
C ASP B 265 9.53 -16.94 -1.88
N ALA B 266 9.79 -15.87 -1.12
CA ALA B 266 10.88 -15.78 -0.11
C ALA B 266 12.19 -16.27 -0.75
N PHE B 267 12.52 -15.78 -1.93
CA PHE B 267 13.64 -16.31 -2.75
C PHE B 267 14.69 -15.23 -3.02
N HIS B 268 14.33 -14.16 -3.75
CA HIS B 268 15.28 -13.12 -4.20
C HIS B 268 14.55 -11.77 -4.32
N MET B 269 15.28 -10.67 -4.20
CA MET B 269 14.68 -9.31 -4.24
C MET B 269 14.02 -9.03 -5.60
N THR B 270 14.52 -9.56 -6.72
CA THR B 270 13.98 -9.23 -8.07
C THR B 270 13.74 -10.48 -8.93
N ALA B 271 14.48 -11.56 -8.77
CA ALA B 271 14.39 -12.72 -9.67
C ALA B 271 13.44 -13.75 -9.08
N PRO B 272 12.62 -14.43 -9.93
CA PRO B 272 11.84 -15.56 -9.49
C PRO B 272 12.70 -16.81 -9.42
N PRO B 273 12.31 -17.83 -8.62
CA PRO B 273 12.98 -19.11 -8.66
C PRO B 273 12.66 -19.78 -10.01
N GLU B 274 13.60 -20.56 -10.52
CA GLU B 274 13.56 -21.13 -11.89
C GLU B 274 12.30 -21.97 -12.08
N ASP B 275 11.82 -22.65 -11.05
CA ASP B 275 10.66 -23.57 -11.13
C ASP B 275 9.34 -22.83 -10.85
N GLY B 276 9.37 -21.53 -10.54
CA GLY B 276 8.15 -20.73 -10.25
C GLY B 276 7.37 -21.26 -9.07
N ALA B 277 8.05 -21.77 -8.01
CA ALA B 277 7.35 -22.48 -6.91
C ALA B 277 6.34 -21.54 -6.23
N GLY B 278 6.68 -20.28 -5.98
CA GLY B 278 5.74 -19.35 -5.30
C GLY B 278 4.54 -19.05 -6.17
N ALA B 279 4.74 -18.90 -7.47
CA ALA B 279 3.66 -18.62 -8.45
C ALA B 279 2.72 -19.83 -8.48
N ALA B 280 3.27 -21.04 -8.45
CA ALA B 280 2.45 -22.27 -8.36
C ALA B 280 1.61 -22.24 -7.06
N ARG B 281 2.22 -21.96 -5.92
CA ARG B 281 1.47 -21.91 -4.62
C ARG B 281 0.32 -20.90 -4.72
N CYS B 282 0.60 -19.76 -5.33
CA CYS B 282 -0.36 -18.65 -5.47
C CYS B 282 -1.56 -19.07 -6.32
N MET B 283 -1.32 -19.69 -7.46
CA MET B 283 -2.40 -20.16 -8.37
C MET B 283 -3.21 -21.26 -7.68
N LYS B 284 -2.55 -22.16 -6.95
CA LYS B 284 -3.27 -23.24 -6.24
C LYS B 284 -4.13 -22.63 -5.12
N ASN B 285 -3.62 -21.64 -4.40
CA ASN B 285 -4.37 -20.93 -3.34
CA ASN B 285 -4.37 -20.92 -3.34
C ASN B 285 -5.60 -20.25 -3.96
N ALA B 286 -5.46 -19.66 -5.15
CA ALA B 286 -6.59 -18.96 -5.80
C ALA B 286 -7.66 -19.97 -6.22
N LEU B 287 -7.25 -21.14 -6.73
CA LEU B 287 -8.24 -22.17 -7.14
C LEU B 287 -8.93 -22.75 -5.91
N ARG B 288 -8.20 -22.99 -4.81
CA ARG B 288 -8.80 -23.49 -3.55
C ARG B 288 -9.80 -22.46 -3.00
N ASP B 289 -9.48 -21.17 -3.12
CA ASP B 289 -10.35 -20.07 -2.66
C ASP B 289 -11.68 -20.11 -3.45
N ALA B 290 -11.61 -20.41 -4.74
CA ALA B 290 -12.76 -20.47 -5.68
C ALA B 290 -13.47 -21.82 -5.61
N GLY B 291 -12.91 -22.82 -4.90
CA GLY B 291 -13.45 -24.19 -4.87
C GLY B 291 -13.42 -24.84 -6.23
N LEU B 292 -12.41 -24.54 -7.05
CA LEU B 292 -12.29 -25.06 -8.43
C LEU B 292 -11.18 -26.10 -8.54
N ASP B 293 -11.45 -27.10 -9.36
CA ASP B 293 -10.44 -28.08 -9.85
C ASP B 293 -9.62 -27.34 -10.89
N PRO B 294 -8.28 -27.50 -10.90
CA PRO B 294 -7.45 -26.97 -11.99
C PRO B 294 -7.99 -27.26 -13.39
N ARG B 295 -8.65 -28.42 -13.62
CA ARG B 295 -9.19 -28.78 -14.97
C ARG B 295 -10.29 -27.83 -15.40
N GLN B 296 -10.81 -26.98 -14.50
CA GLN B 296 -11.91 -26.04 -14.84
C GLN B 296 -11.33 -24.77 -15.49
N VAL B 297 -10.03 -24.54 -15.41
CA VAL B 297 -9.43 -23.31 -16.00
C VAL B 297 -9.32 -23.43 -17.52
N ASP B 298 -9.84 -22.44 -18.25
CA ASP B 298 -9.80 -22.40 -19.72
C ASP B 298 -8.76 -21.40 -20.22
N TYR B 299 -8.53 -20.27 -19.53
CA TYR B 299 -7.67 -19.19 -20.04
C TYR B 299 -6.86 -18.62 -18.87
N ILE B 300 -5.59 -18.41 -19.12
CA ILE B 300 -4.68 -17.69 -18.18
C ILE B 300 -4.14 -16.45 -18.88
N ASN B 301 -4.41 -15.28 -18.33
CA ASN B 301 -3.67 -14.05 -18.68
C ASN B 301 -2.41 -14.06 -17.80
N ALA B 302 -1.29 -14.44 -18.42
CA ALA B 302 0.01 -14.60 -17.75
C ALA B 302 0.51 -13.25 -17.28
N HIS B 303 1.40 -13.28 -16.31
CA HIS B 303 2.25 -12.10 -16.01
C HIS B 303 3.13 -11.81 -17.22
N GLY B 304 3.86 -12.81 -17.72
CA GLY B 304 4.52 -12.82 -19.05
C GLY B 304 5.20 -11.52 -19.45
N THR B 305 6.26 -11.12 -18.75
CA THR B 305 6.85 -9.77 -18.89
C THR B 305 7.89 -9.69 -20.02
N SER B 306 8.30 -10.81 -20.60
CA SER B 306 9.36 -10.83 -21.67
C SER B 306 10.77 -10.76 -21.04
N THR B 307 10.90 -11.18 -19.79
CA THR B 307 12.22 -11.38 -19.14
C THR B 307 12.64 -12.84 -19.42
N PRO B 308 13.94 -13.10 -19.56
CA PRO B 308 14.42 -14.49 -19.71
C PRO B 308 13.94 -15.44 -18.59
N ALA B 309 14.21 -15.11 -17.33
CA ALA B 309 13.92 -15.98 -16.16
C ALA B 309 12.43 -16.01 -15.84
N GLY B 310 11.74 -14.85 -15.89
CA GLY B 310 10.33 -14.76 -15.48
C GLY B 310 9.46 -15.61 -16.38
N ASP B 311 9.64 -15.54 -17.70
CA ASP B 311 8.68 -16.20 -18.64
C ASP B 311 8.77 -17.73 -18.46
N ILE B 312 9.96 -18.25 -18.23
CA ILE B 312 10.22 -19.71 -18.07
C ILE B 312 9.66 -20.16 -16.73
N ALA B 313 9.86 -19.38 -15.65
CA ALA B 313 9.31 -19.69 -14.31
C ALA B 313 7.78 -19.84 -14.41
N GLU B 314 7.12 -19.02 -15.22
CA GLU B 314 5.63 -19.08 -15.32
C GLU B 314 5.18 -20.36 -16.01
N ILE B 315 5.88 -20.79 -17.08
CA ILE B 315 5.53 -22.07 -17.73
C ILE B 315 5.66 -23.16 -16.66
N ALA B 316 6.77 -23.17 -15.93
CA ALA B 316 7.04 -24.24 -14.94
C ALA B 316 5.93 -24.29 -13.89
N ALA B 317 5.50 -23.12 -13.39
CA ALA B 317 4.44 -23.04 -12.37
C ALA B 317 3.11 -23.55 -12.93
N VAL B 318 2.77 -23.18 -14.18
CA VAL B 318 1.50 -23.63 -14.81
C VAL B 318 1.56 -25.16 -15.00
N LYS B 319 2.68 -25.68 -15.46
CA LYS B 319 2.80 -27.16 -15.63
C LYS B 319 2.62 -27.84 -14.27
N SER B 320 3.17 -27.27 -13.20
CA SER B 320 3.08 -27.84 -11.84
C SER B 320 1.62 -27.86 -11.36
N VAL B 321 0.89 -26.75 -11.51
CA VAL B 321 -0.47 -26.65 -10.93
C VAL B 321 -1.43 -27.48 -11.79
N PHE B 322 -1.30 -27.44 -13.11
CA PHE B 322 -2.35 -27.94 -14.02
C PHE B 322 -2.02 -29.35 -14.57
N GLY B 323 -0.82 -29.85 -14.40
CA GLY B 323 -0.43 -31.19 -14.95
C GLY B 323 -0.80 -31.29 -16.44
N GLU B 324 -1.45 -32.39 -16.87
CA GLU B 324 -1.74 -32.62 -18.30
C GLU B 324 -2.74 -31.56 -18.78
N HIS B 325 -3.52 -30.98 -17.88
CA HIS B 325 -4.50 -29.93 -18.24
C HIS B 325 -3.77 -28.68 -18.75
N ALA B 326 -2.51 -28.49 -18.43
CA ALA B 326 -1.71 -27.38 -18.99
C ALA B 326 -1.72 -27.39 -20.53
N HIS B 327 -1.90 -28.56 -21.17
CA HIS B 327 -1.93 -28.68 -22.65
C HIS B 327 -3.34 -28.40 -23.19
N ALA B 328 -4.37 -28.22 -22.33
CA ALA B 328 -5.78 -28.02 -22.79
C ALA B 328 -6.14 -26.52 -22.67
N LEU B 329 -5.64 -25.88 -21.62
CA LEU B 329 -5.93 -24.43 -21.38
C LEU B 329 -5.16 -23.61 -22.42
N SER B 330 -5.54 -22.36 -22.61
CA SER B 330 -4.81 -21.34 -23.39
C SER B 330 -4.24 -20.31 -22.42
N MET B 331 -3.03 -19.87 -22.69
CA MET B 331 -2.34 -18.86 -21.85
C MET B 331 -1.74 -17.82 -22.77
N SER B 332 -1.95 -16.55 -22.49
CA SER B 332 -1.32 -15.51 -23.32
C SER B 332 -0.82 -14.36 -22.45
N SER B 333 0.12 -13.64 -22.99
CA SER B 333 0.60 -12.39 -22.37
C SER B 333 0.17 -11.21 -23.22
N THR B 334 -0.74 -10.40 -22.66
CA THR B 334 -1.12 -9.15 -23.36
C THR B 334 0.00 -8.09 -23.22
N LYS B 335 1.00 -8.30 -22.36
CA LYS B 335 2.18 -7.42 -22.30
C LYS B 335 2.92 -7.45 -23.62
N SER B 336 2.71 -8.47 -24.45
CA SER B 336 3.30 -8.51 -25.80
C SER B 336 2.86 -7.25 -26.58
N MET B 337 1.67 -6.71 -26.26
CA MET B 337 1.04 -5.57 -26.97
C MET B 337 1.13 -4.31 -26.11
N THR B 338 0.88 -4.43 -24.81
CA THR B 338 0.78 -3.23 -23.93
C THR B 338 2.11 -2.87 -23.30
N GLY B 339 3.08 -3.79 -23.28
CA GLY B 339 4.19 -3.69 -22.33
C GLY B 339 3.72 -3.80 -20.89
N HIS B 340 4.62 -3.52 -19.98
CA HIS B 340 4.50 -3.83 -18.54
C HIS B 340 4.09 -2.55 -17.82
N LEU B 341 2.82 -2.44 -17.38
CA LEU B 341 2.31 -1.24 -16.67
C LEU B 341 2.59 -1.34 -15.16
N LEU B 342 3.49 -2.23 -14.73
CA LEU B 342 3.98 -2.27 -13.32
C LEU B 342 2.77 -2.34 -12.37
N GLY B 343 2.54 -1.35 -11.51
CA GLY B 343 1.45 -1.46 -10.53
C GLY B 343 0.08 -1.56 -11.21
N ALA B 344 -0.07 -1.04 -12.40
CA ALA B 344 -1.35 -1.09 -13.15
C ALA B 344 -1.50 -2.37 -13.96
N ALA B 345 -0.46 -3.19 -14.06
CA ALA B 345 -0.48 -4.35 -14.99
C ALA B 345 -1.65 -5.25 -14.62
N GLY B 346 -1.76 -5.63 -13.34
CA GLY B 346 -2.81 -6.55 -12.87
C GLY B 346 -4.20 -5.97 -13.03
N ALA B 347 -4.36 -4.65 -13.00
CA ALA B 347 -5.68 -4.01 -13.15
C ALA B 347 -6.11 -4.08 -14.61
N VAL B 348 -5.25 -3.69 -15.53
CA VAL B 348 -5.64 -3.76 -16.97
C VAL B 348 -5.80 -5.23 -17.38
N GLU B 349 -5.00 -6.14 -16.84
CA GLU B 349 -5.05 -7.58 -17.26
C GLU B 349 -6.30 -8.25 -16.63
N ALA B 350 -6.76 -7.81 -15.46
CA ALA B 350 -8.05 -8.26 -14.88
C ALA B 350 -9.15 -7.89 -15.87
N ILE B 351 -9.10 -6.65 -16.38
CA ILE B 351 -10.13 -6.19 -17.35
C ILE B 351 -10.04 -7.09 -18.60
N PHE B 352 -8.85 -7.33 -19.11
CA PHE B 352 -8.72 -8.18 -20.32
C PHE B 352 -9.27 -9.60 -20.07
N SER B 353 -9.06 -10.14 -18.89
CA SER B 353 -9.56 -11.47 -18.49
C SER B 353 -11.08 -11.50 -18.45
N VAL B 354 -11.71 -10.43 -17.93
CA VAL B 354 -13.17 -10.28 -17.88
C VAL B 354 -13.69 -10.20 -19.32
N LEU B 355 -12.99 -9.48 -20.21
CA LEU B 355 -13.51 -9.32 -21.60
C LEU B 355 -13.28 -10.63 -22.39
N ALA B 356 -12.24 -11.41 -22.07
CA ALA B 356 -12.01 -12.76 -22.68
C ALA B 356 -13.23 -13.64 -22.36
N LEU B 357 -13.77 -13.54 -21.16
CA LEU B 357 -15.02 -14.26 -20.78
C LEU B 357 -16.21 -13.71 -21.58
N ARG B 358 -16.41 -12.40 -21.58
CA ARG B 358 -17.56 -11.80 -22.31
C ARG B 358 -17.52 -12.23 -23.77
N ASP B 359 -16.36 -12.14 -24.42
CA ASP B 359 -16.26 -12.30 -25.90
C ASP B 359 -15.87 -13.73 -26.28
N GLN B 360 -15.58 -14.62 -25.32
CA GLN B 360 -15.17 -16.03 -25.62
C GLN B 360 -14.00 -16.04 -26.61
N VAL B 361 -12.94 -15.30 -26.28
CA VAL B 361 -11.74 -15.20 -27.14
C VAL B 361 -10.52 -15.05 -26.23
N ALA B 362 -9.47 -15.82 -26.52
CA ALA B 362 -8.14 -15.67 -25.91
C ALA B 362 -7.37 -14.65 -26.71
N PRO B 363 -6.96 -13.52 -26.06
CA PRO B 363 -6.06 -12.55 -26.66
C PRO B 363 -4.73 -13.17 -27.08
N PRO B 364 -4.11 -12.69 -28.18
CA PRO B 364 -2.85 -13.26 -28.67
C PRO B 364 -1.66 -12.91 -27.78
N THR B 365 -0.64 -13.77 -27.81
CA THR B 365 0.73 -13.30 -27.49
C THR B 365 1.40 -12.90 -28.79
N ILE B 366 1.49 -11.60 -29.09
CA ILE B 366 2.16 -11.22 -30.36
C ILE B 366 3.67 -11.44 -30.19
N ASN B 367 4.39 -11.52 -31.33
CA ASN B 367 5.86 -11.52 -31.42
C ASN B 367 6.44 -12.89 -31.05
N LEU B 368 5.60 -13.90 -30.83
CA LEU B 368 6.06 -15.22 -30.37
C LEU B 368 6.45 -16.03 -31.63
N ASP B 369 7.53 -15.61 -32.25
CA ASP B 369 8.00 -16.14 -33.57
C ASP B 369 8.66 -17.51 -33.37
N ASN B 370 9.44 -17.66 -32.30
CA ASN B 370 10.25 -18.86 -32.02
C ASN B 370 10.19 -19.14 -30.53
N PRO B 371 9.15 -19.87 -30.08
CA PRO B 371 9.04 -20.24 -28.67
C PRO B 371 10.33 -20.86 -28.15
N ASP B 372 10.68 -20.47 -26.94
CA ASP B 372 11.94 -20.90 -26.29
C ASP B 372 11.80 -22.36 -25.83
N GLU B 373 12.93 -22.94 -25.39
CA GLU B 373 12.93 -24.34 -24.90
C GLU B 373 11.92 -24.46 -23.75
N GLY B 374 11.06 -25.48 -23.81
CA GLY B 374 10.09 -25.82 -22.76
C GLY B 374 8.85 -24.94 -22.82
N CYS B 375 8.80 -24.00 -23.76
CA CYS B 375 7.67 -23.04 -23.91
C CYS B 375 6.66 -23.62 -24.89
N ASP B 376 6.08 -24.78 -24.56
CA ASP B 376 5.38 -25.65 -25.55
C ASP B 376 3.89 -25.79 -25.24
N LEU B 377 3.33 -24.87 -24.45
CA LEU B 377 1.87 -24.81 -24.20
C LEU B 377 1.18 -24.03 -25.33
N ASP B 378 -0.15 -23.97 -25.29
CA ASP B 378 -0.93 -23.08 -26.19
C ASP B 378 -0.76 -21.64 -25.69
N LEU B 379 0.14 -20.89 -26.30
CA LEU B 379 0.46 -19.50 -25.87
C LEU B 379 -0.23 -18.50 -26.80
N VAL B 380 -1.22 -18.98 -27.57
CA VAL B 380 -2.05 -18.15 -28.50
C VAL B 380 -1.12 -17.25 -29.33
N ALA B 381 -0.10 -17.83 -29.94
CA ALA B 381 0.87 -17.07 -30.74
C ALA B 381 0.15 -16.29 -31.85
N HIS B 382 0.50 -15.02 -31.98
CA HIS B 382 0.25 -14.15 -33.16
C HIS B 382 -1.19 -13.64 -33.26
N GLU B 383 -2.20 -14.51 -33.14
CA GLU B 383 -3.61 -14.15 -33.48
C GLU B 383 -4.56 -14.59 -32.37
N ALA B 384 -5.56 -13.74 -32.09
CA ALA B 384 -6.59 -14.03 -31.07
C ALA B 384 -7.24 -15.37 -31.40
N LYS B 385 -7.65 -16.12 -30.39
CA LYS B 385 -8.25 -17.47 -30.61
C LYS B 385 -9.61 -17.55 -29.94
N PRO B 386 -10.70 -17.51 -30.74
CA PRO B 386 -12.01 -17.82 -30.22
C PRO B 386 -11.99 -19.25 -29.66
N ARG B 387 -12.51 -19.42 -28.45
CA ARG B 387 -12.63 -20.73 -27.79
C ARG B 387 -13.60 -20.60 -26.62
N LYS B 388 -13.99 -21.73 -26.05
CA LYS B 388 -14.81 -21.75 -24.81
C LYS B 388 -13.95 -21.27 -23.64
N ILE B 389 -14.43 -20.27 -22.89
CA ILE B 389 -13.75 -19.81 -21.66
C ILE B 389 -14.85 -19.64 -20.59
N ASP B 390 -14.92 -20.54 -19.63
CA ASP B 390 -15.83 -20.42 -18.47
C ASP B 390 -15.07 -19.79 -17.30
N VAL B 391 -13.79 -20.10 -17.18
CA VAL B 391 -12.92 -19.68 -16.05
C VAL B 391 -11.64 -19.08 -16.63
N ALA B 392 -11.29 -17.89 -16.16
CA ALA B 392 -10.08 -17.15 -16.58
C ALA B 392 -9.28 -16.84 -15.30
N LEU B 393 -7.98 -17.02 -15.37
CA LEU B 393 -7.04 -16.65 -14.28
CA LEU B 393 -7.05 -16.66 -14.28
C LEU B 393 -6.16 -15.50 -14.74
N SER B 394 -5.83 -14.58 -13.84
CA SER B 394 -4.87 -13.51 -14.16
C SER B 394 -3.78 -13.53 -13.09
N ASN B 395 -2.53 -13.58 -13.50
CA ASN B 395 -1.36 -13.67 -12.59
C ASN B 395 -0.57 -12.37 -12.60
N SER B 396 -0.01 -12.02 -11.43
CA SER B 396 0.99 -10.93 -11.29
C SER B 396 2.03 -11.40 -10.29
N PHE B 397 3.30 -11.23 -10.62
CA PHE B 397 4.43 -11.59 -9.74
C PHE B 397 5.36 -10.38 -9.71
N GLY B 398 5.83 -10.00 -8.53
CA GLY B 398 6.53 -8.71 -8.41
C GLY B 398 7.79 -8.84 -7.59
N PHE B 399 8.59 -7.78 -7.59
CA PHE B 399 9.77 -7.64 -6.72
C PHE B 399 9.42 -7.98 -5.28
N GLY B 400 10.40 -8.52 -4.55
CA GLY B 400 10.18 -9.02 -3.19
C GLY B 400 9.51 -10.38 -3.16
N GLY B 401 9.29 -11.00 -4.32
CA GLY B 401 8.70 -12.34 -4.45
C GLY B 401 7.23 -12.35 -4.16
N THR B 402 6.55 -11.21 -4.36
CA THR B 402 5.12 -11.07 -3.97
C THR B 402 4.25 -11.43 -5.17
N ASN B 403 3.35 -12.39 -4.96
CA ASN B 403 2.52 -13.02 -6.00
C ASN B 403 1.04 -12.82 -5.72
N GLY B 404 0.28 -12.62 -6.80
CA GLY B 404 -1.18 -12.55 -6.77
C GLY B 404 -1.81 -13.20 -7.97
N THR B 405 -2.93 -13.88 -7.72
CA THR B 405 -3.75 -14.53 -8.73
C THR B 405 -5.22 -14.20 -8.50
N LEU B 406 -5.92 -13.81 -9.58
CA LEU B 406 -7.39 -13.62 -9.57
C LEU B 406 -8.03 -14.67 -10.46
N VAL B 407 -9.17 -15.19 -10.01
CA VAL B 407 -9.95 -16.15 -10.82
C VAL B 407 -11.32 -15.53 -11.07
N PHE B 408 -11.66 -15.40 -12.35
CA PHE B 408 -12.96 -14.89 -12.83
C PHE B 408 -13.73 -16.03 -13.50
N ARG B 409 -15.06 -15.98 -13.37
CA ARG B 409 -15.95 -16.96 -14.02
C ARG B 409 -17.08 -16.25 -14.75
N ARG B 410 -17.57 -16.84 -15.84
CA ARG B 410 -18.79 -16.32 -16.52
C ARG B 410 -19.91 -16.23 -15.48
N PHE B 411 -20.72 -15.18 -15.55
CA PHE B 411 -21.92 -15.04 -14.70
C PHE B 411 -23.17 -15.23 -15.57
N ALA B 412 -24.10 -16.12 -15.13
CA ALA B 412 -25.41 -16.41 -15.76
C ALA B 412 -26.53 -15.70 -14.99
#